data_7AMK
#
_entry.id   7AMK
#
_cell.length_a   51.167
_cell.length_b   70.499
_cell.length_c   105.438
_cell.angle_alpha   105.408
_cell.angle_beta   100.934
_cell.angle_gamma   100.253
#
_symmetry.space_group_name_H-M   'P 1'
#
loop_
_entity.id
_entity.type
_entity.pdbx_description
1 polymer 'Proto-oncogene tyrosine-protein kinase receptor Ret'
2 branched alpha-D-mannopyranose-(1-6)-alpha-D-mannopyranose-(1-3)-[alpha-D-mannopyranose-(1-6)]beta-D-mannopyranose-(1-4)-2-acetamido-2-deoxy-beta-D-glucopyranose-(1-4)-[alpha-L-fucopyranose-(1-6)]2-acetamido-2-deoxy-beta-D-glucopyranose
3 branched 2-acetamido-2-deoxy-beta-D-glucopyranose-(1-4)-2-acetamido-2-deoxy-beta-D-glucopyranose
4 branched 2-acetamido-2-deoxy-beta-D-glucopyranose-(1-4)-[alpha-L-fucopyranose-(1-6)]2-acetamido-2-deoxy-beta-D-glucopyranose
5 branched alpha-D-mannopyranose-(1-6)-beta-D-mannopyranose-(1-4)-2-acetamido-2-deoxy-beta-D-glucopyranose-(1-4)-[alpha-L-fucopyranose-(1-6)]2-acetamido-2-deoxy-beta-D-glucopyranose
6 branched beta-D-mannopyranose-(1-4)-2-acetamido-2-deoxy-beta-D-glucopyranose-(1-4)-[alpha-L-fucopyranose-(1-6)]2-acetamido-2-deoxy-beta-D-glucopyranose
7 branched alpha-D-mannopyranose-(1-3)-beta-D-mannopyranose-(1-4)-2-acetamido-2-deoxy-beta-D-glucopyranose-(1-4)-[alpha-L-fucopyranose-(1-6)]2-acetamido-2-deoxy-beta-D-glucopyranose
8 non-polymer 'CALCIUM ION'
9 non-polymer 2-acetamido-2-deoxy-beta-D-glucopyranose
10 non-polymer GLYCEROL
11 non-polymer 'TRIETHYLENE GLYCOL'
12 non-polymer DI(HYDROXYETHYL)ETHER
13 non-polymer '2-(N-MORPHOLINO)-ETHANESULFONIC ACID'
14 water water
#
_entity_poly.entity_id   1
_entity_poly.type   'polypeptide(L)'
_entity_poly.pdbx_seq_one_letter_code
;LYFPQRLYTENIYVGQQQGSPLLQVISMREFPTERPYFFLCSHRDAFTSWFHIDEASGVLYLNKTLEWSDFSSLRSGSVR
SPKDLTLKVGVSSTPPMKVMCTILPTVEVKLSFINDTAPSCGQVELSTLCFPEKISNPHITENREPGALRQLRRFTHMSI
CPNYTISYGVVAGSSVPFAVDDSTSELVVTAQVDREEKEVYHLDIVCMVRTERNLEEVFRSLHVNIYDEDDNSPYVQGTD
TEDVLVEFDRSEGTVFGTLFVYDRDTTPVYPTNQVQNKLVGTLMTQDSWIKNNFAIEHKFREEKAIFGNVRGTVHEYKLK
LSQNLSVTEQRSFLLGYLVNDTTFPGPEGTVLLHFNVTVLPVPIRFSQVTYSFTVSQKATTYSQIGKVCVENCQKFKGID
VTYQLEIVDRQITAEAQSCYWAVSLAQNPNDNTGVLYVNDTKVLRRPECQELEYVVIAQEQQNKLQAKTQLTVSFQGEAD
;
_entity_poly.pdbx_strand_id   A,B
#
# COMPACT_ATOMS: atom_id res chain seq x y z
N LEU A 1 23.45 -41.15 10.42
CA LEU A 1 23.57 -41.74 9.10
C LEU A 1 22.67 -41.03 8.10
N TYR A 2 23.20 -40.71 6.93
CA TYR A 2 22.33 -40.29 5.84
C TYR A 2 22.91 -40.82 4.55
N PHE A 3 22.08 -40.79 3.52
CA PHE A 3 22.42 -41.36 2.22
C PHE A 3 22.78 -40.25 1.25
N PRO A 4 23.98 -40.25 0.69
CA PRO A 4 24.32 -39.22 -0.31
C PRO A 4 23.64 -39.44 -1.67
N GLN A 5 22.83 -40.48 -1.81
CA GLN A 5 22.29 -40.92 -3.08
C GLN A 5 20.95 -41.58 -2.81
N ARG A 6 19.88 -41.12 -3.47
CA ARG A 6 18.54 -41.65 -3.19
C ARG A 6 18.18 -42.91 -3.99
N LEU A 7 18.88 -43.18 -5.08
CA LEU A 7 18.52 -44.25 -5.99
CA LEU A 7 18.52 -44.25 -5.99
C LEU A 7 19.77 -44.91 -6.53
N TYR A 8 19.82 -46.24 -6.48
CA TYR A 8 20.87 -46.99 -7.12
C TYR A 8 20.25 -47.77 -8.28
N THR A 9 21.04 -48.00 -9.33
CA THR A 9 20.54 -48.76 -10.46
C THR A 9 21.64 -49.67 -10.98
N GLU A 10 21.22 -50.78 -11.58
CA GLU A 10 22.12 -51.69 -12.25
C GLU A 10 21.29 -52.67 -13.07
N ASN A 11 21.97 -53.34 -13.99
CA ASN A 11 21.40 -54.43 -14.77
C ASN A 11 21.84 -55.75 -14.17
N ILE A 12 20.95 -56.74 -14.25
CA ILE A 12 21.28 -58.10 -13.88
C ILE A 12 20.86 -58.98 -15.05
N TYR A 13 21.57 -60.09 -15.21
CA TYR A 13 21.40 -60.95 -16.36
C TYR A 13 21.08 -62.37 -15.93
N VAL A 14 20.37 -63.08 -16.81
CA VAL A 14 20.25 -64.53 -16.70
C VAL A 14 21.65 -65.14 -16.70
N GLY A 15 21.85 -66.16 -15.87
CA GLY A 15 23.14 -66.81 -15.74
C GLY A 15 24.11 -66.13 -14.79
N GLN A 16 23.89 -64.88 -14.43
CA GLN A 16 24.69 -64.28 -13.36
C GLN A 16 24.65 -65.17 -12.13
N GLN A 17 25.83 -65.36 -11.52
CA GLN A 17 26.09 -66.42 -10.55
C GLN A 17 25.80 -65.98 -9.12
N GLN A 18 25.32 -66.95 -8.32
CA GLN A 18 25.21 -66.80 -6.88
C GLN A 18 26.51 -66.29 -6.29
N GLY A 19 26.41 -65.29 -5.42
CA GLY A 19 27.57 -64.80 -4.71
C GLY A 19 28.31 -63.69 -5.40
N SER A 20 27.90 -63.31 -6.59
CA SER A 20 28.61 -62.27 -7.29
C SER A 20 28.15 -60.89 -6.80
N PRO A 21 29.06 -59.93 -6.71
CA PRO A 21 28.70 -58.61 -6.20
C PRO A 21 28.09 -57.75 -7.29
N LEU A 22 27.13 -56.92 -6.87
CA LEU A 22 26.31 -56.08 -7.76
C LEU A 22 26.58 -54.60 -7.60
N LEU A 23 26.63 -54.13 -6.36
CA LEU A 23 26.87 -52.71 -6.08
C LEU A 23 27.05 -52.57 -4.58
N GLN A 24 27.48 -51.38 -4.17
CA GLN A 24 27.74 -51.05 -2.78
C GLN A 24 26.93 -49.81 -2.38
N VAL A 25 25.99 -49.99 -1.45
CA VAL A 25 25.20 -48.90 -0.87
C VAL A 25 26.07 -48.17 0.15
N ILE A 26 26.08 -46.83 0.08
CA ILE A 26 26.91 -46.00 0.95
C ILE A 26 26.06 -45.32 2.00
N SER A 27 26.53 -45.32 3.25
CA SER A 27 25.93 -44.53 4.30
C SER A 27 27.00 -43.62 4.90
N MET A 28 26.69 -42.35 5.06
CA MET A 28 27.66 -41.44 5.64
C MET A 28 27.38 -41.20 7.11
N ARG A 29 28.44 -41.21 7.92
CA ARG A 29 28.32 -41.01 9.35
C ARG A 29 28.12 -39.54 9.67
N GLU A 30 27.15 -39.27 10.54
CA GLU A 30 26.97 -37.93 11.05
C GLU A 30 27.75 -37.66 12.33
N PHE A 31 28.44 -38.68 12.85
CA PHE A 31 29.27 -38.55 14.04
C PHE A 31 30.31 -39.66 13.97
N PRO A 32 31.51 -39.44 14.55
CA PRO A 32 32.62 -40.36 14.27
C PRO A 32 32.43 -41.78 14.78
N THR A 33 31.74 -41.99 15.91
CA THR A 33 31.52 -43.35 16.38
C THR A 33 30.27 -44.02 15.77
N GLU A 34 29.47 -43.28 15.01
CA GLU A 34 28.29 -43.89 14.37
C GLU A 34 28.71 -44.98 13.40
N ARG A 35 28.12 -46.17 13.52
CA ARG A 35 28.44 -47.31 12.66
C ARG A 35 27.19 -47.82 11.94
N PRO A 36 27.24 -47.99 10.62
CA PRO A 36 26.03 -48.42 9.88
C PRO A 36 25.83 -49.93 9.85
N TYR A 37 24.56 -50.32 9.93
CA TYR A 37 24.11 -51.70 9.78
C TYR A 37 23.13 -51.72 8.63
N PHE A 38 23.54 -52.37 7.54
CA PHE A 38 22.73 -52.46 6.34
C PHE A 38 21.86 -53.71 6.38
N PHE A 39 20.71 -53.63 5.73
CA PHE A 39 19.82 -54.78 5.62
C PHE A 39 18.82 -54.56 4.49
N LEU A 40 18.33 -55.68 3.94
CA LEU A 40 17.29 -55.66 2.91
C LEU A 40 15.90 -55.52 3.51
N CYS A 41 15.04 -54.79 2.83
CA CYS A 41 13.73 -54.43 3.34
C CYS A 41 12.57 -54.92 2.51
N SER A 42 12.83 -55.41 1.30
CA SER A 42 11.77 -55.80 0.37
C SER A 42 11.18 -57.16 0.71
N HIS A 43 11.14 -57.53 1.99
CA HIS A 43 10.63 -58.86 2.35
C HIS A 43 9.19 -59.05 1.90
N ARG A 44 8.50 -57.99 1.51
CA ARG A 44 7.16 -58.11 0.94
C ARG A 44 7.17 -58.79 -0.42
N ASP A 45 8.28 -58.69 -1.15
CA ASP A 45 8.45 -59.28 -2.47
C ASP A 45 9.19 -60.61 -2.40
N ALA A 46 8.88 -61.49 -3.36
CA ALA A 46 9.54 -62.79 -3.44
C ALA A 46 10.96 -62.69 -3.98
N PHE A 47 11.19 -61.77 -4.93
CA PHE A 47 12.51 -61.68 -5.54
C PHE A 47 13.56 -61.16 -4.57
N THR A 48 13.15 -60.61 -3.44
CA THR A 48 14.14 -60.05 -2.53
C THR A 48 15.06 -61.12 -1.99
N SER A 49 14.55 -62.35 -1.86
CA SER A 49 15.41 -63.46 -1.42
C SER A 49 16.34 -63.98 -2.51
N TRP A 50 16.32 -63.39 -3.71
CA TRP A 50 17.40 -63.56 -4.66
C TRP A 50 18.67 -62.79 -4.27
N PHE A 51 18.63 -61.97 -3.22
CA PHE A 51 19.71 -61.03 -2.97
C PHE A 51 20.13 -61.10 -1.50
N HIS A 52 21.36 -60.67 -1.25
CA HIS A 52 21.89 -60.61 0.11
C HIS A 52 22.76 -59.36 0.21
N ILE A 53 22.59 -58.56 1.27
CA ILE A 53 23.41 -57.38 1.50
C ILE A 53 24.29 -57.64 2.71
N ASP A 54 25.55 -57.30 2.59
CA ASP A 54 26.46 -57.48 3.70
C ASP A 54 26.18 -56.42 4.75
N GLU A 55 25.87 -56.86 5.97
CA GLU A 55 25.46 -55.97 7.05
C GLU A 55 26.50 -54.88 7.33
N ALA A 56 27.80 -55.19 7.21
CA ALA A 56 28.87 -54.26 7.56
C ALA A 56 29.37 -53.40 6.40
N SER A 57 29.48 -53.98 5.21
CA SER A 57 30.04 -53.24 4.08
C SER A 57 28.97 -52.64 3.20
N GLY A 58 27.73 -53.12 3.28
CA GLY A 58 26.72 -52.57 2.39
C GLY A 58 26.82 -53.05 0.96
N VAL A 59 27.65 -54.04 0.68
CA VAL A 59 27.73 -54.59 -0.67
C VAL A 59 26.54 -55.52 -0.90
N LEU A 60 25.86 -55.33 -2.02
CA LEU A 60 24.72 -56.16 -2.40
C LEU A 60 25.17 -57.28 -3.34
N TYR A 61 24.79 -58.51 -3.02
CA TYR A 61 25.20 -59.72 -3.72
C TYR A 61 24.00 -60.49 -4.24
N LEU A 62 24.19 -61.20 -5.35
CA LEU A 62 23.24 -62.22 -5.74
C LEU A 62 23.27 -63.39 -4.76
N ASN A 63 22.10 -63.77 -4.26
CA ASN A 63 21.91 -64.92 -3.38
C ASN A 63 21.48 -66.16 -4.15
N LYS A 64 21.37 -66.07 -5.46
CA LYS A 64 20.83 -67.15 -6.28
C LYS A 64 21.32 -66.93 -7.71
N THR A 65 21.68 -68.00 -8.39
CA THR A 65 22.04 -67.87 -9.80
C THR A 65 20.78 -67.68 -10.64
N LEU A 66 20.74 -66.59 -11.38
CA LEU A 66 19.53 -66.19 -12.09
C LEU A 66 19.26 -67.10 -13.30
N GLU A 67 17.99 -67.45 -13.49
CA GLU A 67 17.64 -68.37 -14.55
C GLU A 67 16.55 -67.79 -15.43
N TRP A 68 16.39 -68.37 -16.62
CA TRP A 68 15.33 -67.92 -17.52
C TRP A 68 13.98 -67.82 -16.82
N SER A 69 13.62 -68.85 -16.03
CA SER A 69 12.32 -68.86 -15.36
C SER A 69 12.19 -67.72 -14.35
N ASP A 70 13.29 -67.31 -13.71
CA ASP A 70 13.24 -66.16 -12.82
C ASP A 70 12.73 -64.92 -13.52
N PHE A 71 13.15 -64.72 -14.79
CA PHE A 71 12.70 -63.55 -15.55
C PHE A 71 11.22 -63.64 -15.87
N SER A 72 10.80 -64.76 -16.44
CA SER A 72 9.44 -64.89 -16.93
C SER A 72 8.41 -64.90 -15.81
N SER A 73 8.82 -65.19 -14.57
CA SER A 73 7.90 -65.30 -13.45
C SER A 73 7.70 -63.99 -12.67
N LEU A 74 8.34 -62.91 -13.09
CA LEU A 74 8.17 -61.62 -12.41
C LEU A 74 6.83 -61.01 -12.81
N ARG A 75 5.89 -60.98 -11.86
CA ARG A 75 4.56 -60.40 -12.08
C ARG A 75 4.64 -58.88 -11.97
N SER A 76 5.16 -58.25 -13.01
CA SER A 76 5.13 -56.79 -13.11
C SER A 76 3.89 -56.27 -13.83
N GLY A 77 3.36 -57.00 -14.81
CA GLY A 77 2.34 -56.47 -15.69
C GLY A 77 2.85 -56.00 -17.03
N SER A 78 4.17 -55.87 -17.19
CA SER A 78 4.81 -55.61 -18.47
C SER A 78 5.59 -56.87 -18.87
N VAL A 79 5.21 -57.47 -20.00
CA VAL A 79 5.86 -58.69 -20.46
C VAL A 79 7.21 -58.42 -21.12
N ARG A 80 7.55 -57.16 -21.36
CA ARG A 80 8.74 -56.80 -22.12
C ARG A 80 10.01 -56.91 -21.28
N SER A 81 11.11 -57.25 -21.95
CA SER A 81 12.42 -57.12 -21.33
C SER A 81 12.95 -55.70 -21.55
N PRO A 82 13.60 -55.06 -20.56
CA PRO A 82 13.98 -55.58 -19.24
C PRO A 82 12.87 -55.41 -18.24
N LYS A 83 12.82 -56.26 -17.20
CA LYS A 83 11.89 -56.10 -16.09
C LYS A 83 12.61 -55.44 -14.93
N ASP A 84 12.10 -54.30 -14.50
CA ASP A 84 12.72 -53.58 -13.40
C ASP A 84 12.36 -54.22 -12.07
N LEU A 85 13.35 -54.36 -11.20
CA LEU A 85 13.18 -54.84 -9.84
C LEU A 85 13.54 -53.70 -8.92
N THR A 86 12.68 -53.41 -7.96
CA THR A 86 12.94 -52.35 -6.99
C THR A 86 13.12 -52.97 -5.61
N LEU A 87 14.34 -52.87 -5.07
CA LEU A 87 14.69 -53.31 -3.73
C LEU A 87 14.77 -52.11 -2.79
N LYS A 88 14.49 -52.37 -1.53
CA LYS A 88 14.60 -51.37 -0.47
C LYS A 88 15.72 -51.81 0.48
N VAL A 89 16.68 -50.92 0.70
CA VAL A 89 17.79 -51.17 1.59
C VAL A 89 17.69 -50.17 2.73
N GLY A 90 17.71 -50.68 3.96
CA GLY A 90 17.69 -49.85 5.14
C GLY A 90 19.03 -49.82 5.84
N VAL A 91 19.26 -48.78 6.64
CA VAL A 91 20.47 -48.68 7.44
C VAL A 91 20.09 -48.13 8.82
N SER A 92 20.81 -48.57 9.84
CA SER A 92 20.62 -48.07 11.20
C SER A 92 21.94 -48.12 11.93
N SER A 93 22.04 -47.33 13.01
CA SER A 93 23.23 -47.28 13.84
C SER A 93 23.24 -48.34 14.95
N THR A 94 22.14 -49.02 15.19
CA THR A 94 22.04 -50.19 16.04
C THR A 94 21.74 -51.44 15.21
N PRO A 95 21.79 -52.63 15.81
CA PRO A 95 21.50 -53.87 15.06
C PRO A 95 20.10 -53.85 14.48
N PRO A 96 19.91 -54.29 13.24
CA PRO A 96 18.63 -54.06 12.55
C PRO A 96 17.50 -54.93 13.07
N MET A 97 16.30 -54.35 13.08
CA MET A 97 15.08 -55.04 13.42
C MET A 97 14.13 -54.99 12.22
N LYS A 98 13.17 -55.91 12.20
CA LYS A 98 12.25 -55.98 11.07
C LYS A 98 11.47 -54.68 10.91
N VAL A 99 11.06 -54.07 12.03
CA VAL A 99 10.20 -52.90 12.00
C VAL A 99 10.89 -51.67 11.41
N MET A 100 12.23 -51.66 11.35
CA MET A 100 12.91 -50.47 10.83
C MET A 100 12.58 -50.22 9.37
N CYS A 101 12.25 -51.28 8.62
CA CYS A 101 11.95 -51.13 7.20
C CYS A 101 10.70 -50.30 6.96
N THR A 102 9.78 -50.25 7.93
CA THR A 102 8.56 -49.45 7.83
C THR A 102 8.73 -48.05 8.37
N ILE A 103 9.77 -47.81 9.17
CA ILE A 103 9.87 -46.59 9.97
C ILE A 103 11.16 -45.82 9.77
N LEU A 104 12.25 -46.44 9.27
CA LEU A 104 13.50 -45.72 9.07
C LEU A 104 13.66 -45.30 7.61
N PRO A 105 14.57 -44.36 7.34
CA PRO A 105 14.90 -44.02 5.96
C PRO A 105 15.45 -45.23 5.22
N THR A 106 15.01 -45.39 3.97
CA THR A 106 15.52 -46.44 3.11
C THR A 106 16.08 -45.86 1.81
N VAL A 107 16.87 -46.68 1.13
CA VAL A 107 17.39 -46.41 -0.22
C VAL A 107 16.66 -47.32 -1.20
N GLU A 108 16.42 -46.81 -2.40
CA GLU A 108 15.84 -47.62 -3.46
C GLU A 108 16.98 -48.14 -4.34
N VAL A 109 17.00 -49.46 -4.55
CA VAL A 109 17.93 -50.09 -5.48
C VAL A 109 17.10 -50.63 -6.62
N LYS A 110 17.21 -49.98 -7.77
CA LYS A 110 16.36 -50.30 -8.91
C LYS A 110 17.20 -51.12 -9.89
N LEU A 111 16.85 -52.39 -10.04
CA LEU A 111 17.60 -53.30 -10.88
C LEU A 111 16.78 -53.59 -12.14
N SER A 112 17.47 -53.67 -13.27
CA SER A 112 16.84 -53.98 -14.54
C SER A 112 17.25 -55.39 -14.90
N PHE A 113 16.27 -56.28 -14.95
CA PHE A 113 16.51 -57.70 -15.20
C PHE A 113 16.34 -57.89 -16.70
N ILE A 114 17.46 -58.11 -17.39
CA ILE A 114 17.47 -58.28 -18.83
C ILE A 114 17.37 -59.77 -19.14
N ASN A 115 16.44 -60.13 -20.03
CA ASN A 115 16.17 -61.51 -20.37
C ASN A 115 17.22 -62.03 -21.37
N ASP A 116 18.49 -61.98 -20.96
CA ASP A 116 19.55 -62.53 -21.78
C ASP A 116 20.76 -62.78 -20.89
N THR A 117 21.72 -63.55 -21.41
CA THR A 117 22.98 -63.74 -20.71
C THR A 117 23.84 -62.48 -20.81
N ALA A 118 24.81 -62.36 -19.90
CA ALA A 118 25.63 -61.16 -19.83
C ALA A 118 26.40 -60.95 -21.13
N PRO A 119 26.67 -59.70 -21.50
CA PRO A 119 27.52 -59.45 -22.66
C PRO A 119 28.94 -59.92 -22.42
N SER A 120 29.61 -60.27 -23.52
CA SER A 120 31.03 -60.63 -23.48
C SER A 120 31.91 -59.39 -23.31
N CYS A 121 33.10 -59.61 -22.75
CA CYS A 121 33.99 -58.48 -22.46
C CYS A 121 34.31 -57.70 -23.72
N GLY A 122 34.54 -58.39 -24.83
CA GLY A 122 34.69 -57.67 -26.08
C GLY A 122 33.45 -56.93 -26.53
N GLN A 123 32.30 -57.15 -25.88
CA GLN A 123 31.08 -56.42 -26.25
C GLN A 123 30.82 -55.19 -25.38
N VAL A 124 31.62 -54.94 -24.35
CA VAL A 124 31.41 -53.79 -23.47
C VAL A 124 32.38 -52.69 -23.89
N GLU A 125 31.84 -51.50 -24.20
CA GLU A 125 32.67 -50.31 -24.42
C GLU A 125 33.34 -49.88 -23.12
N LEU A 126 34.60 -49.44 -23.24
CA LEU A 126 35.36 -49.05 -22.06
C LEU A 126 34.60 -48.05 -21.23
N SER A 127 33.90 -47.12 -21.88
CA SER A 127 33.15 -46.12 -21.12
C SER A 127 32.08 -46.77 -20.25
N THR A 128 31.38 -47.79 -20.77
CA THR A 128 30.39 -48.49 -19.98
C THR A 128 31.04 -49.27 -18.84
N LEU A 129 32.17 -49.93 -19.13
CA LEU A 129 32.88 -50.66 -18.08
C LEU A 129 33.24 -49.74 -16.92
N CYS A 130 33.65 -48.52 -17.24
CA CYS A 130 34.12 -47.52 -16.30
C CYS A 130 33.00 -46.83 -15.52
N PHE A 131 31.95 -46.39 -16.20
CA PHE A 131 30.97 -45.49 -15.60
C PHE A 131 29.55 -45.88 -15.98
N PRO A 132 28.63 -45.84 -15.01
CA PRO A 132 27.22 -46.07 -15.33
C PRO A 132 26.76 -45.16 -16.47
N GLU A 133 25.72 -45.63 -17.16
CA GLU A 133 25.22 -44.90 -18.32
C GLU A 133 24.86 -43.46 -17.96
N LYS A 134 23.99 -43.30 -16.96
CA LYS A 134 23.58 -42.00 -16.45
C LYS A 134 24.02 -41.90 -15.00
N ILE A 135 24.89 -40.93 -14.71
CA ILE A 135 25.50 -40.81 -13.39
C ILE A 135 24.67 -39.84 -12.54
N SER A 136 24.06 -40.34 -11.48
CA SER A 136 23.33 -39.50 -10.55
C SER A 136 24.30 -38.73 -9.65
N ASN A 137 23.96 -37.48 -9.34
CA ASN A 137 24.90 -36.61 -8.63
C ASN A 137 24.69 -36.72 -7.11
N PRO A 138 25.72 -37.03 -6.35
CA PRO A 138 25.52 -37.21 -4.91
C PRO A 138 25.29 -35.87 -4.23
N HIS A 139 24.88 -35.95 -2.96
CA HIS A 139 24.72 -34.75 -2.17
C HIS A 139 25.27 -35.04 -0.80
N ILE A 140 25.89 -34.04 -0.18
CA ILE A 140 26.25 -34.10 1.22
C ILE A 140 25.80 -32.81 1.87
N THR A 141 25.74 -32.81 3.18
CA THR A 141 25.41 -31.60 3.91
C THR A 141 26.68 -30.94 4.40
N GLU A 142 26.66 -29.61 4.46
CA GLU A 142 27.82 -28.87 4.96
C GLU A 142 28.10 -29.26 6.42
N ASN A 143 29.32 -28.95 6.87
CA ASN A 143 29.71 -29.11 8.29
C ASN A 143 29.59 -30.56 8.79
N ARG A 144 29.96 -31.52 7.94
CA ARG A 144 29.81 -32.93 8.28
C ARG A 144 31.14 -33.66 8.14
N GLU A 145 31.20 -34.82 8.78
CA GLU A 145 32.39 -35.64 8.83
C GLU A 145 32.75 -36.20 7.44
N PRO A 146 34.01 -36.08 7.03
CA PRO A 146 34.45 -36.68 5.76
C PRO A 146 34.18 -38.18 5.72
N GLY A 147 34.08 -38.71 4.51
CA GLY A 147 33.67 -40.10 4.37
C GLY A 147 33.54 -40.51 2.92
N ALA A 148 33.45 -41.82 2.74
CA ALA A 148 33.23 -42.33 1.40
C ALA A 148 31.87 -41.86 0.91
N LEU A 149 31.79 -41.67 -0.37
CA LEU A 149 30.62 -41.08 -0.97
C LEU A 149 30.02 -41.95 -2.05
N ARG A 150 30.84 -42.59 -2.86
CA ARG A 150 30.32 -43.41 -3.94
C ARG A 150 31.37 -44.47 -4.28
N GLN A 151 30.92 -45.72 -4.39
CA GLN A 151 31.75 -46.81 -4.92
C GLN A 151 31.81 -46.65 -6.43
N LEU A 152 33.02 -46.48 -6.96
CA LEU A 152 33.22 -46.22 -8.38
C LEU A 152 33.32 -47.47 -9.26
N ARG A 153 33.75 -48.61 -8.73
CA ARG A 153 33.83 -49.82 -9.55
C ARG A 153 32.44 -50.32 -9.97
N ARG A 154 32.30 -50.69 -11.24
CA ARG A 154 31.08 -51.36 -11.69
C ARG A 154 31.28 -52.85 -11.43
N PHE A 155 30.79 -53.32 -10.28
CA PHE A 155 31.01 -54.71 -9.87
C PHE A 155 30.63 -55.71 -10.96
N THR A 156 29.49 -55.49 -11.63
CA THR A 156 29.03 -56.48 -12.61
C THR A 156 29.98 -56.57 -13.80
N HIS A 157 30.55 -55.44 -14.23
CA HIS A 157 31.35 -55.44 -15.44
C HIS A 157 32.78 -55.91 -15.22
N MET A 158 33.32 -55.73 -14.02
CA MET A 158 34.66 -56.25 -13.78
C MET A 158 34.68 -57.77 -13.75
N SER A 159 33.52 -58.42 -13.56
CA SER A 159 33.41 -59.86 -13.72
C SER A 159 33.31 -60.27 -15.19
N ILE A 160 32.74 -59.42 -16.03
CA ILE A 160 32.76 -59.64 -17.47
C ILE A 160 34.16 -59.45 -18.05
N CYS A 161 34.95 -58.54 -17.46
CA CYS A 161 36.30 -58.21 -17.92
C CYS A 161 37.34 -58.48 -16.84
N PRO A 162 37.46 -59.72 -16.36
CA PRO A 162 38.28 -59.97 -15.16
C PRO A 162 39.77 -59.73 -15.37
N ASN A 163 40.24 -59.74 -16.61
CA ASN A 163 41.66 -59.56 -16.89
C ASN A 163 42.07 -58.11 -17.08
N TYR A 164 41.16 -57.17 -16.87
CA TYR A 164 41.47 -55.75 -16.93
C TYR A 164 41.75 -55.22 -15.54
N THR A 165 42.74 -54.34 -15.41
CA THR A 165 42.91 -53.60 -14.18
C THR A 165 42.27 -52.22 -14.33
N ILE A 166 41.61 -51.77 -13.27
CA ILE A 166 40.80 -50.55 -13.32
C ILE A 166 41.12 -49.73 -12.08
N SER A 167 41.55 -48.48 -12.27
CA SER A 167 41.71 -47.58 -11.14
C SER A 167 41.01 -46.26 -11.45
N TYR A 168 40.63 -45.53 -10.41
CA TYR A 168 39.93 -44.26 -10.56
C TYR A 168 40.70 -43.15 -9.86
N GLY A 169 40.53 -41.92 -10.36
CA GLY A 169 41.06 -40.76 -9.67
C GLY A 169 40.20 -39.53 -9.83
N VAL A 170 40.28 -38.62 -8.88
CA VAL A 170 39.71 -37.28 -9.06
C VAL A 170 40.75 -36.41 -9.76
N VAL A 171 40.36 -35.85 -10.89
CA VAL A 171 41.22 -34.93 -11.62
C VAL A 171 41.10 -33.56 -10.94
N ALA A 172 42.19 -33.13 -10.29
CA ALA A 172 42.18 -31.92 -9.48
C ALA A 172 42.90 -30.81 -10.24
N GLY A 173 42.14 -29.97 -10.93
CA GLY A 173 42.71 -28.74 -11.46
C GLY A 173 43.04 -27.82 -10.31
N SER A 174 42.00 -27.32 -9.66
CA SER A 174 42.09 -26.70 -8.35
C SER A 174 42.06 -27.78 -7.28
N SER A 175 42.57 -27.45 -6.11
CA SER A 175 42.47 -28.37 -4.99
C SER A 175 41.01 -28.49 -4.56
N VAL A 176 40.56 -29.73 -4.40
CA VAL A 176 39.17 -30.02 -4.09
C VAL A 176 39.13 -30.97 -2.90
N PRO A 177 38.17 -30.86 -2.03
CA PRO A 177 38.10 -31.80 -0.91
C PRO A 177 37.47 -33.16 -1.30
N PHE A 178 37.80 -33.65 -2.48
CA PHE A 178 37.34 -34.96 -2.94
C PHE A 178 38.53 -35.70 -3.54
N ALA A 179 38.60 -37.01 -3.29
CA ALA A 179 39.68 -37.84 -3.80
C ALA A 179 39.13 -39.26 -3.97
N VAL A 180 39.91 -40.14 -4.58
CA VAL A 180 39.57 -41.56 -4.61
C VAL A 180 40.46 -42.30 -3.61
N ASP A 181 39.86 -43.22 -2.86
CA ASP A 181 40.62 -44.16 -2.03
C ASP A 181 41.09 -45.31 -2.92
N ASP A 182 42.40 -45.38 -3.18
CA ASP A 182 42.89 -46.39 -4.10
C ASP A 182 42.56 -47.79 -3.62
N SER A 183 42.49 -47.98 -2.31
CA SER A 183 42.32 -49.31 -1.74
C SER A 183 40.89 -49.84 -1.91
N THR A 184 39.90 -48.96 -1.88
CA THR A 184 38.52 -49.40 -2.02
C THR A 184 37.87 -48.91 -3.31
N SER A 185 38.56 -48.10 -4.11
CA SER A 185 37.98 -47.47 -5.30
C SER A 185 36.77 -46.58 -4.98
N GLU A 186 36.69 -46.02 -3.78
CA GLU A 186 35.56 -45.15 -3.47
C GLU A 186 35.92 -43.68 -3.70
N LEU A 187 34.98 -42.92 -4.25
CA LEU A 187 35.07 -41.47 -4.16
C LEU A 187 34.79 -41.05 -2.72
N VAL A 188 35.65 -40.23 -2.13
CA VAL A 188 35.49 -39.82 -0.74
C VAL A 188 35.50 -38.29 -0.63
N VAL A 189 34.79 -37.75 0.37
CA VAL A 189 34.92 -36.35 0.71
C VAL A 189 35.94 -36.24 1.82
N THR A 190 36.95 -35.38 1.63
CA THR A 190 38.12 -35.39 2.50
C THR A 190 38.04 -34.35 3.61
N ALA A 191 37.09 -33.41 3.57
CA ALA A 191 36.96 -32.38 4.60
C ALA A 191 35.51 -31.97 4.75
N GLN A 192 35.21 -31.27 5.84
CA GLN A 192 33.95 -30.57 5.96
C GLN A 192 33.90 -29.43 4.95
N VAL A 193 32.73 -29.18 4.40
CA VAL A 193 32.56 -28.12 3.41
C VAL A 193 31.57 -27.08 3.97
N ASP A 194 31.47 -25.96 3.26
CA ASP A 194 30.69 -24.80 3.70
C ASP A 194 29.75 -24.43 2.57
N ARG A 195 28.46 -24.68 2.78
CA ARG A 195 27.48 -24.38 1.75
C ARG A 195 27.58 -22.90 1.37
N GLU A 196 27.89 -22.03 2.33
CA GLU A 196 27.99 -20.59 2.06
C GLU A 196 29.20 -20.23 1.22
N GLU A 197 30.20 -21.08 1.15
CA GLU A 197 31.30 -20.82 0.23
C GLU A 197 30.99 -21.37 -1.15
N LYS A 198 30.44 -22.59 -1.21
CA LYS A 198 30.18 -23.24 -2.48
C LYS A 198 29.04 -24.25 -2.31
N GLU A 199 28.04 -24.18 -3.18
CA GLU A 199 26.85 -25.04 -3.11
C GLU A 199 26.91 -26.23 -4.06
N VAL A 200 27.86 -26.25 -5.00
CA VAL A 200 27.99 -27.32 -5.99
C VAL A 200 29.46 -27.50 -6.29
N TYR A 201 29.97 -28.72 -6.15
CA TYR A 201 31.33 -29.00 -6.57
C TYR A 201 31.30 -29.75 -7.89
N HIS A 202 31.99 -29.21 -8.89
CA HIS A 202 32.16 -29.87 -10.17
C HIS A 202 33.39 -30.76 -10.12
N LEU A 203 33.20 -32.01 -10.50
CA LEU A 203 34.24 -33.03 -10.43
C LEU A 203 34.36 -33.67 -11.80
N ASP A 204 35.60 -33.99 -12.16
CA ASP A 204 35.91 -34.86 -13.29
C ASP A 204 36.60 -36.10 -12.75
N ILE A 205 35.95 -37.27 -12.94
CA ILE A 205 36.49 -38.58 -12.58
C ILE A 205 37.23 -39.17 -13.78
N VAL A 206 38.41 -39.74 -13.55
CA VAL A 206 39.18 -40.44 -14.58
C VAL A 206 39.20 -41.92 -14.23
N CYS A 207 38.92 -42.75 -15.24
CA CYS A 207 38.98 -44.20 -15.16
C CYS A 207 40.14 -44.69 -16.02
N MET A 208 41.06 -45.46 -15.43
CA MET A 208 42.26 -45.94 -16.11
C MET A 208 42.22 -47.46 -16.19
N VAL A 209 42.28 -47.99 -17.40
CA VAL A 209 41.99 -49.39 -17.66
C VAL A 209 43.20 -49.96 -18.40
N ARG A 210 43.83 -50.96 -17.81
CA ARG A 210 44.94 -51.64 -18.47
C ARG A 210 44.34 -52.80 -19.27
N THR A 211 44.28 -52.63 -20.59
CA THR A 211 43.78 -53.66 -21.48
C THR A 211 44.96 -54.50 -22.03
N GLU A 212 44.63 -55.45 -22.93
CA GLU A 212 45.65 -56.15 -23.71
C GLU A 212 46.36 -55.23 -24.70
N ARG A 213 45.90 -53.99 -24.83
CA ARG A 213 46.33 -53.00 -25.80
C ARG A 213 47.27 -51.98 -25.18
N ASN A 214 46.77 -51.21 -24.22
CA ASN A 214 47.56 -50.22 -23.53
C ASN A 214 46.78 -49.82 -22.27
N LEU A 215 47.25 -48.78 -21.60
CA LEU A 215 46.55 -48.18 -20.48
C LEU A 215 45.62 -47.12 -21.07
N GLU A 216 44.31 -47.36 -20.98
CA GLU A 216 43.33 -46.44 -21.53
C GLU A 216 42.72 -45.60 -20.42
N GLU A 217 42.24 -44.42 -20.79
CA GLU A 217 41.56 -43.56 -19.82
C GLU A 217 40.25 -43.05 -20.38
N VAL A 218 39.23 -42.98 -19.50
CA VAL A 218 37.92 -42.40 -19.81
C VAL A 218 37.60 -41.38 -18.72
N PHE A 219 37.09 -40.22 -19.13
CA PHE A 219 36.73 -39.16 -18.18
C PHE A 219 35.22 -39.00 -18.09
N ARG A 220 34.75 -38.63 -16.91
CA ARG A 220 33.32 -38.46 -16.63
C ARG A 220 33.13 -37.24 -15.75
N SER A 221 32.35 -36.29 -16.23
CA SER A 221 32.05 -35.08 -15.48
C SER A 221 30.85 -35.30 -14.55
N LEU A 222 31.00 -34.99 -13.26
CA LEU A 222 29.84 -34.99 -12.38
C LEU A 222 29.98 -33.86 -11.37
N HIS A 223 28.99 -33.74 -10.49
CA HIS A 223 29.08 -32.70 -9.46
C HIS A 223 28.34 -33.15 -8.22
N VAL A 224 28.75 -32.59 -7.09
CA VAL A 224 28.20 -32.94 -5.78
C VAL A 224 27.41 -31.73 -5.28
N ASN A 225 26.17 -31.95 -4.87
CA ASN A 225 25.36 -30.88 -4.32
C ASN A 225 25.64 -30.75 -2.83
N ILE A 226 25.73 -29.52 -2.33
CA ILE A 226 25.99 -29.27 -0.90
C ILE A 226 24.71 -28.75 -0.27
N TYR A 227 24.18 -29.51 0.68
CA TYR A 227 22.98 -29.11 1.41
C TYR A 227 23.32 -28.22 2.59
N ASP A 228 22.38 -27.34 2.91
CA ASP A 228 22.56 -26.27 3.87
C ASP A 228 22.10 -26.72 5.23
N GLU A 229 22.75 -26.21 6.26
CA GLU A 229 22.21 -26.32 7.60
C GLU A 229 22.17 -24.93 8.22
N ASP A 230 21.47 -24.80 9.34
CA ASP A 230 21.26 -23.51 9.98
C ASP A 230 22.50 -23.22 10.83
N ASP A 231 23.46 -22.52 10.25
CA ASP A 231 24.72 -22.25 10.94
C ASP A 231 25.08 -20.77 10.87
N ASN A 232 24.10 -19.90 10.62
CA ASN A 232 24.32 -18.47 10.61
C ASN A 232 23.19 -17.80 11.38
N SER A 233 23.55 -16.89 12.31
CA SER A 233 22.51 -16.22 13.04
C SER A 233 21.98 -15.01 12.27
N PRO A 234 20.72 -14.66 12.51
CA PRO A 234 20.15 -13.48 11.87
C PRO A 234 20.79 -12.21 12.40
N TYR A 235 20.72 -11.16 11.59
CA TYR A 235 21.33 -9.87 11.96
C TYR A 235 20.62 -8.75 11.22
N VAL A 236 20.75 -7.57 11.77
CA VAL A 236 20.22 -6.37 11.14
C VAL A 236 21.37 -5.64 10.47
N GLN A 237 21.04 -4.89 9.44
CA GLN A 237 21.99 -4.05 8.74
C GLN A 237 21.64 -2.62 9.11
N GLY A 238 22.53 -1.98 9.84
CA GLY A 238 22.30 -0.61 10.28
C GLY A 238 21.55 -0.59 11.61
N THR A 239 20.34 -0.03 11.59
CA THR A 239 19.59 0.15 12.83
C THR A 239 18.76 -1.09 13.16
N ASP A 240 18.50 -1.26 14.45
CA ASP A 240 17.53 -2.25 14.90
C ASP A 240 16.23 -1.59 15.36
N THR A 241 16.09 -0.29 15.12
CA THR A 241 14.96 0.47 15.63
C THR A 241 14.30 1.23 14.49
N GLU A 242 12.97 1.26 14.50
CA GLU A 242 12.19 1.96 13.50
C GLU A 242 11.28 2.93 14.23
N ASP A 243 11.34 4.20 13.83
CA ASP A 243 10.45 5.23 14.38
C ASP A 243 9.12 5.20 13.64
N VAL A 244 8.04 5.07 14.39
CA VAL A 244 6.70 4.99 13.83
C VAL A 244 5.84 6.11 14.39
N LEU A 245 5.16 6.83 13.50
CA LEU A 245 4.19 7.86 13.85
C LEU A 245 2.82 7.39 13.41
N VAL A 246 1.88 7.38 14.33
CA VAL A 246 0.47 7.15 14.03
C VAL A 246 -0.28 8.46 14.27
N GLU A 247 -0.84 9.02 13.20
CA GLU A 247 -1.55 10.28 13.28
C GLU A 247 -2.79 10.23 12.39
N PHE A 248 -2.71 10.86 11.21
CA PHE A 248 -3.89 10.99 10.36
C PHE A 248 -4.28 9.68 9.70
N ASP A 249 -3.37 8.71 9.62
CA ASP A 249 -3.68 7.38 9.09
C ASP A 249 -3.79 6.42 10.26
N ARG A 250 -5.00 5.98 10.55
CA ARG A 250 -5.24 5.06 11.65
C ARG A 250 -6.03 3.84 11.20
N SER A 251 -6.04 3.53 9.91
CA SER A 251 -6.89 2.46 9.41
C SER A 251 -6.25 1.10 9.64
N GLU A 252 -7.07 0.11 9.93
CA GLU A 252 -6.52 -1.22 10.19
C GLU A 252 -5.87 -1.77 8.92
N GLY A 253 -4.84 -2.60 9.10
CA GLY A 253 -4.13 -3.24 8.01
C GLY A 253 -3.02 -2.41 7.40
N THR A 254 -3.03 -1.09 7.58
CA THR A 254 -1.95 -0.26 7.08
C THR A 254 -0.64 -0.57 7.81
N VAL A 255 0.46 -0.48 7.08
CA VAL A 255 1.81 -0.77 7.60
C VAL A 255 2.50 0.54 7.94
N PHE A 256 3.01 0.64 9.16
CA PHE A 256 3.60 1.88 9.62
C PHE A 256 5.12 1.84 9.75
N GLY A 257 5.74 0.69 9.56
CA GLY A 257 7.17 0.58 9.71
C GLY A 257 7.64 -0.75 9.18
N THR A 258 8.90 -0.80 8.78
CA THR A 258 9.45 -2.02 8.25
C THR A 258 10.89 -2.18 8.70
N LEU A 259 11.18 -3.33 9.33
CA LEU A 259 12.54 -3.69 9.69
C LEU A 259 12.94 -4.97 8.97
N PHE A 260 14.17 -4.98 8.45
CA PHE A 260 14.71 -6.07 7.67
C PHE A 260 15.72 -6.83 8.50
N VAL A 261 15.61 -8.16 8.49
CA VAL A 261 16.56 -9.04 9.17
C VAL A 261 17.09 -10.00 8.13
N TYR A 262 18.39 -10.25 8.17
CA TYR A 262 19.06 -11.06 7.16
C TYR A 262 19.64 -12.31 7.78
N ASP A 263 19.65 -13.39 7.00
CA ASP A 263 20.20 -14.66 7.46
C ASP A 263 20.86 -15.33 6.25
N ARG A 264 22.15 -15.64 6.37
CA ARG A 264 22.87 -16.21 5.23
C ARG A 264 22.41 -17.62 4.88
N ASP A 265 21.75 -18.31 5.80
CA ASP A 265 21.21 -19.63 5.53
C ASP A 265 19.98 -19.55 4.62
N THR A 266 19.75 -20.62 3.87
CA THR A 266 18.57 -20.76 3.02
C THR A 266 17.38 -21.26 3.81
N THR A 267 16.20 -21.05 3.23
CA THR A 267 14.91 -21.38 3.79
C THR A 267 14.02 -21.81 2.63
N PRO A 268 13.21 -22.84 2.81
CA PRO A 268 12.26 -23.19 1.75
C PRO A 268 11.29 -22.04 1.49
N VAL A 269 10.77 -21.99 0.27
CA VAL A 269 9.94 -20.89 -0.18
C VAL A 269 8.81 -20.63 0.80
N TYR A 270 8.53 -19.37 1.04
CA TYR A 270 7.50 -18.92 1.95
C TYR A 270 6.11 -19.11 1.34
N PRO A 271 5.12 -19.57 2.12
CA PRO A 271 5.29 -20.00 3.52
C PRO A 271 5.54 -21.50 3.58
N THR A 272 6.14 -21.98 4.67
CA THR A 272 6.60 -23.36 4.73
C THR A 272 6.37 -23.94 6.12
N ASN A 273 6.37 -25.27 6.20
CA ASN A 273 6.28 -25.97 7.47
C ASN A 273 7.64 -26.38 8.02
N GLN A 274 8.67 -26.45 7.18
CA GLN A 274 10.01 -26.77 7.65
C GLN A 274 10.36 -25.93 8.88
N VAL A 275 11.10 -26.53 9.81
CA VAL A 275 11.51 -25.82 11.02
C VAL A 275 12.97 -25.37 10.96
N GLN A 276 13.78 -25.97 10.08
CA GLN A 276 15.14 -25.52 9.85
C GLN A 276 15.18 -24.04 9.50
N ASN A 277 15.92 -23.27 10.29
CA ASN A 277 16.16 -21.87 9.99
C ASN A 277 14.92 -21.02 10.13
N LYS A 278 13.88 -21.55 10.74
CA LYS A 278 12.70 -20.76 11.01
C LYS A 278 13.00 -19.73 12.08
N LEU A 279 12.65 -18.47 11.83
CA LEU A 279 12.68 -17.44 12.85
C LEU A 279 11.27 -17.24 13.42
N VAL A 280 11.15 -17.37 14.75
CA VAL A 280 9.91 -17.12 15.47
C VAL A 280 10.08 -15.84 16.26
N GLY A 281 9.08 -14.96 16.20
CA GLY A 281 9.09 -13.69 16.91
C GLY A 281 8.18 -13.69 18.13
N THR A 282 8.42 -12.77 19.07
CA THR A 282 7.57 -12.65 20.24
C THR A 282 7.49 -11.19 20.66
N LEU A 283 6.28 -10.65 20.74
CA LEU A 283 6.06 -9.33 21.31
C LEU A 283 6.60 -9.25 22.74
N MET A 284 7.50 -8.30 22.98
CA MET A 284 8.11 -8.14 24.30
C MET A 284 7.34 -7.12 25.14
N THR A 285 6.04 -7.39 25.35
CA THR A 285 5.27 -6.51 26.22
C THR A 285 4.08 -7.25 26.81
N GLN A 286 3.83 -7.02 28.09
CA GLN A 286 2.58 -7.41 28.74
C GLN A 286 1.73 -6.15 28.85
N ASP A 287 0.86 -5.93 27.87
CA ASP A 287 0.04 -4.72 27.82
C ASP A 287 -1.13 -4.97 26.88
N SER A 288 -2.35 -4.92 27.41
CA SER A 288 -3.52 -5.32 26.64
C SER A 288 -3.78 -4.34 25.51
N TRP A 289 -3.60 -3.04 25.77
CA TRP A 289 -3.85 -2.06 24.74
C TRP A 289 -2.93 -2.29 23.55
N ILE A 290 -1.64 -2.45 23.79
CA ILE A 290 -0.69 -2.68 22.70
C ILE A 290 -1.05 -3.94 21.93
N LYS A 291 -1.24 -5.05 22.66
CA LYS A 291 -1.51 -6.33 21.99
C LYS A 291 -2.79 -6.30 21.16
N ASN A 292 -3.86 -5.70 21.68
CA ASN A 292 -5.15 -5.68 21.00
C ASN A 292 -5.24 -4.69 19.87
N ASN A 293 -4.31 -3.75 19.74
CA ASN A 293 -4.36 -2.77 18.68
C ASN A 293 -3.24 -2.89 17.66
N PHE A 294 -2.11 -3.50 18.03
CA PHE A 294 -0.93 -3.57 17.17
C PHE A 294 -0.57 -5.02 16.91
N ALA A 295 0.12 -5.25 15.80
CA ALA A 295 0.58 -6.60 15.47
C ALA A 295 1.77 -6.46 14.53
N ILE A 296 2.64 -7.47 14.56
CA ILE A 296 3.79 -7.53 13.67
C ILE A 296 3.46 -8.47 12.52
N GLU A 297 3.74 -8.04 11.30
CA GLU A 297 3.66 -8.89 10.12
C GLU A 297 5.06 -9.33 9.74
N HIS A 298 5.25 -10.64 9.59
CA HIS A 298 6.53 -11.22 9.22
C HIS A 298 6.41 -11.88 7.84
N LYS A 299 7.35 -11.58 6.95
CA LYS A 299 7.49 -12.30 5.69
C LYS A 299 8.97 -12.47 5.39
N PHE A 300 9.30 -13.43 4.53
CA PHE A 300 10.69 -13.65 4.14
C PHE A 300 10.73 -14.11 2.70
N ARG A 301 11.88 -13.94 2.08
CA ARG A 301 12.05 -14.34 0.70
C ARG A 301 13.51 -14.68 0.52
N GLU A 302 13.80 -15.48 -0.49
CA GLU A 302 15.19 -15.78 -0.78
C GLU A 302 15.80 -14.61 -1.54
N GLU A 303 17.05 -14.27 -1.20
CA GLU A 303 17.82 -13.38 -2.04
C GLU A 303 19.25 -13.89 -2.14
N LYS A 304 20.00 -13.42 -3.15
CA LYS A 304 21.43 -13.79 -3.20
C LYS A 304 22.38 -12.64 -3.54
N ALA A 305 21.98 -11.68 -4.38
CA ALA A 305 22.86 -10.59 -4.79
C ALA A 305 23.42 -9.82 -3.59
N ILE A 306 22.56 -9.46 -2.64
CA ILE A 306 23.05 -8.72 -1.49
C ILE A 306 23.98 -9.54 -0.59
N PHE A 307 24.01 -10.87 -0.72
CA PHE A 307 24.87 -11.69 0.11
C PHE A 307 26.19 -12.00 -0.56
N GLY A 308 26.52 -11.30 -1.64
CA GLY A 308 27.65 -11.68 -2.45
C GLY A 308 27.32 -12.81 -3.39
N ASN A 309 26.10 -12.83 -3.93
CA ASN A 309 25.69 -13.83 -4.93
C ASN A 309 25.68 -15.24 -4.33
N VAL A 310 25.25 -15.33 -3.07
CA VAL A 310 25.05 -16.59 -2.36
C VAL A 310 23.66 -16.58 -1.77
N ARG A 311 22.89 -17.63 -2.03
CA ARG A 311 21.51 -17.70 -1.59
C ARG A 311 21.44 -17.61 -0.07
N GLY A 312 20.65 -16.66 0.41
CA GLY A 312 20.25 -16.60 1.80
C GLY A 312 18.79 -16.16 1.91
N THR A 313 18.42 -15.65 3.08
CA THR A 313 17.04 -15.27 3.39
C THR A 313 17.01 -13.83 3.87
N VAL A 314 16.05 -13.07 3.33
CA VAL A 314 15.74 -11.72 3.76
C VAL A 314 14.40 -11.75 4.47
N HIS A 315 14.37 -11.26 5.72
CA HIS A 315 13.12 -11.18 6.48
C HIS A 315 12.62 -9.74 6.55
N GLU A 316 11.30 -9.56 6.48
CA GLU A 316 10.67 -8.25 6.65
C GLU A 316 9.70 -8.30 7.82
N TYR A 317 9.87 -7.38 8.75
CA TYR A 317 8.99 -7.24 9.90
C TYR A 317 8.27 -5.89 9.81
N LYS A 318 6.94 -5.92 9.82
CA LYS A 318 6.15 -4.71 9.62
C LYS A 318 5.18 -4.53 10.78
N LEU A 319 5.22 -3.38 11.43
CA LEU A 319 4.23 -3.09 12.46
C LEU A 319 2.90 -2.77 11.80
N LYS A 320 1.84 -3.45 12.22
CA LYS A 320 0.53 -3.31 11.57
C LYS A 320 -0.51 -2.91 12.61
N LEU A 321 -1.54 -2.18 12.17
CA LEU A 321 -2.70 -1.89 13.01
C LEU A 321 -3.73 -3.02 12.93
N SER A 322 -4.20 -3.46 14.09
CA SER A 322 -5.26 -4.48 14.19
C SER A 322 -6.63 -3.91 13.88
N GLN A 323 -6.90 -2.68 14.33
CA GLN A 323 -8.18 -2.03 14.14
C GLN A 323 -7.97 -0.52 14.11
N ASN A 324 -8.95 0.19 13.55
CA ASN A 324 -8.92 1.65 13.50
C ASN A 324 -8.79 2.23 14.91
N LEU A 325 -7.67 2.92 15.16
CA LEU A 325 -7.42 3.50 16.48
C LEU A 325 -8.22 4.77 16.66
N SER A 326 -8.90 4.87 17.80
CA SER A 326 -9.69 6.06 18.09
C SER A 326 -8.83 7.30 17.94
N VAL A 327 -9.42 8.36 17.41
CA VAL A 327 -8.67 9.59 17.24
C VAL A 327 -8.31 10.25 18.56
N THR A 328 -8.89 9.82 19.68
CA THR A 328 -8.56 10.40 20.97
C THR A 328 -7.34 9.74 21.63
N GLU A 329 -6.90 8.59 21.14
CA GLU A 329 -5.79 7.88 21.78
C GLU A 329 -4.45 8.58 21.53
N GLN A 330 -3.62 8.59 22.57
CA GLN A 330 -2.34 9.29 22.51
C GLN A 330 -1.38 8.52 23.41
N ARG A 331 -0.38 7.86 22.81
CA ARG A 331 0.54 7.06 23.60
C ARG A 331 1.87 6.96 22.86
N SER A 332 2.94 6.88 23.63
CA SER A 332 4.29 6.73 23.10
C SER A 332 4.97 5.59 23.85
N PHE A 333 5.36 4.55 23.12
CA PHE A 333 5.96 3.37 23.75
C PHE A 333 7.08 2.81 22.88
N LEU A 334 7.98 2.09 23.52
CA LEU A 334 9.11 1.45 22.86
C LEU A 334 8.80 -0.05 22.83
N LEU A 335 8.41 -0.55 21.67
CA LEU A 335 7.87 -1.90 21.53
C LEU A 335 9.01 -2.84 21.11
N GLY A 336 9.39 -3.75 21.98
CA GLY A 336 10.40 -4.72 21.66
C GLY A 336 9.81 -5.94 20.94
N TYR A 337 10.62 -6.53 20.05
CA TYR A 337 10.20 -7.72 19.33
C TYR A 337 11.42 -8.64 19.19
N LEU A 338 11.42 -9.75 19.92
CA LEU A 338 12.53 -10.70 19.92
C LEU A 338 12.38 -11.68 18.75
N VAL A 339 13.36 -11.67 17.86
CA VAL A 339 13.42 -12.58 16.71
C VAL A 339 14.41 -13.69 17.03
N ASN A 340 13.94 -14.93 17.05
CA ASN A 340 14.74 -16.06 17.52
C ASN A 340 14.89 -17.08 16.39
N ASP A 341 16.13 -17.29 15.93
CA ASP A 341 16.49 -18.38 15.02
C ASP A 341 16.53 -19.68 15.83
N THR A 342 15.46 -20.46 15.75
CA THR A 342 15.23 -21.51 16.74
C THR A 342 16.28 -22.62 16.64
N THR A 343 16.62 -23.04 15.44
CA THR A 343 17.56 -24.13 15.22
C THR A 343 19.01 -23.66 15.10
N PHE A 344 19.30 -22.39 15.40
CA PHE A 344 20.69 -21.97 15.42
C PHE A 344 21.34 -22.42 16.73
N PRO A 345 22.41 -23.22 16.69
CA PRO A 345 22.92 -23.81 17.94
C PRO A 345 23.50 -22.73 18.84
N GLY A 346 23.17 -22.83 20.13
CA GLY A 346 23.69 -21.90 21.09
C GLY A 346 22.77 -20.70 21.29
N PRO A 347 23.13 -19.85 22.26
CA PRO A 347 22.26 -18.74 22.66
C PRO A 347 22.58 -17.40 21.99
N GLU A 348 23.21 -17.43 20.82
CA GLU A 348 23.51 -16.21 20.09
C GLU A 348 22.67 -16.07 18.82
N GLY A 349 21.59 -16.82 18.73
CA GLY A 349 20.82 -16.84 17.51
C GLY A 349 19.58 -15.98 17.53
N THR A 350 19.57 -14.88 18.30
CA THR A 350 18.40 -14.00 18.36
C THR A 350 18.80 -12.56 18.07
N VAL A 351 17.84 -11.79 17.57
CA VAL A 351 17.95 -10.34 17.42
C VAL A 351 16.73 -9.67 18.04
N LEU A 352 16.99 -8.61 18.79
CA LEU A 352 15.93 -7.81 19.41
C LEU A 352 15.62 -6.62 18.51
N LEU A 353 14.37 -6.51 18.08
CA LEU A 353 13.93 -5.39 17.26
C LEU A 353 13.10 -4.42 18.09
N HIS A 354 13.14 -3.15 17.71
CA HIS A 354 12.50 -2.07 18.46
C HIS A 354 11.67 -1.22 17.53
N PHE A 355 10.40 -1.03 17.89
CA PHE A 355 9.52 -0.08 17.22
C PHE A 355 9.26 1.04 18.20
N ASN A 356 9.73 2.24 17.86
CA ASN A 356 9.59 3.45 18.66
C ASN A 356 8.34 4.17 18.18
N VAL A 357 7.22 3.97 18.87
CA VAL A 357 5.90 4.35 18.34
C VAL A 357 5.42 5.62 19.02
N THR A 358 5.06 6.61 18.19
CA THR A 358 4.36 7.81 18.64
C THR A 358 2.95 7.79 18.05
N VAL A 359 1.94 7.77 18.92
CA VAL A 359 0.55 7.87 18.49
C VAL A 359 0.01 9.22 18.96
N LEU A 360 -0.19 10.15 18.01
CA LEU A 360 -0.77 11.43 18.39
C LEU A 360 -2.27 11.37 18.24
N PRO A 361 -2.98 12.18 19.02
CA PRO A 361 -4.42 12.32 18.83
C PRO A 361 -4.74 13.17 17.62
N VAL A 362 -5.93 12.95 17.08
CA VAL A 362 -6.37 13.71 15.92
C VAL A 362 -7.57 14.56 16.33
N PRO A 363 -7.42 15.89 16.40
CA PRO A 363 -8.56 16.76 16.73
C PRO A 363 -9.60 16.74 15.62
N ILE A 364 -10.86 16.90 16.02
CA ILE A 364 -11.98 16.94 15.09
C ILE A 364 -12.54 18.35 15.18
N ARG A 365 -12.41 19.11 14.10
CA ARG A 365 -12.68 20.53 14.21
C ARG A 365 -12.57 21.18 12.84
N PHE A 366 -13.51 22.07 12.52
CA PHE A 366 -13.36 22.91 11.35
C PHE A 366 -12.38 24.03 11.68
N SER A 367 -11.71 24.53 10.64
CA SER A 367 -10.99 25.78 10.82
C SER A 367 -11.95 26.85 11.30
N GLN A 368 -11.39 27.92 11.85
CA GLN A 368 -12.22 29.03 12.28
C GLN A 368 -12.66 29.91 11.13
N VAL A 369 -12.37 29.50 9.89
CA VAL A 369 -12.82 30.19 8.68
C VAL A 369 -14.13 29.57 8.23
N THR A 370 -15.24 30.31 8.39
CA THR A 370 -16.55 29.84 7.96
C THR A 370 -16.68 29.86 6.43
N TYR A 371 -17.49 28.95 5.91
CA TYR A 371 -17.64 28.81 4.47
C TYR A 371 -18.65 29.81 3.92
N SER A 372 -18.35 30.36 2.75
CA SER A 372 -19.32 31.13 1.99
C SER A 372 -19.17 30.78 0.52
N PHE A 373 -20.22 30.24 -0.07
CA PHE A 373 -20.22 29.83 -1.46
C PHE A 373 -21.16 30.75 -2.23
N THR A 374 -20.70 31.21 -3.38
CA THR A 374 -21.48 32.07 -4.27
C THR A 374 -21.75 31.34 -5.57
N VAL A 375 -23.01 31.23 -5.93
CA VAL A 375 -23.39 30.55 -7.16
C VAL A 375 -23.77 31.61 -8.17
N SER A 376 -22.81 32.03 -9.00
CA SER A 376 -23.05 33.07 -9.98
C SER A 376 -23.76 32.57 -11.23
N GLN A 377 -24.01 31.27 -11.33
CA GLN A 377 -24.77 30.67 -12.42
C GLN A 377 -26.14 30.22 -11.93
N LYS A 378 -27.12 30.24 -12.84
CA LYS A 378 -28.46 29.75 -12.54
C LYS A 378 -28.38 28.29 -12.10
N ALA A 379 -28.92 28.00 -10.90
CA ALA A 379 -28.74 26.70 -10.30
C ALA A 379 -29.35 25.60 -11.16
N THR A 380 -28.62 24.50 -11.30
CA THR A 380 -29.07 23.30 -12.01
C THR A 380 -29.03 22.13 -11.04
N THR A 381 -30.19 21.53 -10.79
CA THR A 381 -30.30 20.44 -9.83
C THR A 381 -29.16 19.44 -9.97
N TYR A 382 -28.50 19.16 -8.84
CA TYR A 382 -27.44 18.16 -8.66
C TYR A 382 -26.06 18.71 -8.99
N SER A 383 -25.93 19.97 -9.38
CA SER A 383 -24.62 20.56 -9.57
C SER A 383 -23.92 20.75 -8.23
N GLN A 384 -22.71 20.22 -8.12
CA GLN A 384 -21.92 20.45 -6.90
C GLN A 384 -21.66 21.94 -6.72
N ILE A 385 -21.82 22.40 -5.49
CA ILE A 385 -21.64 23.81 -5.15
C ILE A 385 -20.31 24.04 -4.43
N GLY A 386 -19.95 23.17 -3.50
CA GLY A 386 -18.72 23.32 -2.75
C GLY A 386 -18.50 22.10 -1.89
N LYS A 387 -17.43 22.13 -1.13
CA LYS A 387 -17.08 21.00 -0.27
C LYS A 387 -16.84 21.49 1.14
N VAL A 388 -17.05 20.61 2.10
CA VAL A 388 -16.82 20.89 3.51
C VAL A 388 -15.95 19.78 4.07
N CYS A 389 -15.09 20.15 5.02
CA CYS A 389 -14.05 19.25 5.49
C CYS A 389 -13.50 19.76 6.82
N VAL A 390 -13.46 18.90 7.85
CA VAL A 390 -12.81 19.27 9.10
C VAL A 390 -11.30 19.41 8.86
N GLU A 391 -10.58 19.95 9.83
CA GLU A 391 -9.15 20.20 9.63
C GLU A 391 -8.41 18.90 9.26
N ASN A 392 -7.65 18.98 8.16
CA ASN A 392 -6.82 17.88 7.66
C ASN A 392 -7.62 16.63 7.33
N CYS A 393 -8.95 16.77 7.18
CA CYS A 393 -9.78 15.61 6.86
C CYS A 393 -9.29 14.87 5.62
N GLN A 394 -8.64 15.56 4.68
CA GLN A 394 -8.24 14.89 3.44
C GLN A 394 -7.05 13.96 3.62
N LYS A 395 -6.33 14.07 4.73
CA LYS A 395 -5.30 13.12 5.12
C LYS A 395 -5.86 11.93 5.91
N PHE A 396 -7.15 11.93 6.25
CA PHE A 396 -7.70 10.91 7.14
C PHE A 396 -7.78 9.56 6.44
N LYS A 397 -7.48 8.51 7.19
CA LYS A 397 -7.66 7.12 6.77
C LYS A 397 -7.98 6.31 8.01
N GLY A 398 -9.11 5.59 7.99
CA GLY A 398 -9.57 4.90 9.18
C GLY A 398 -10.37 5.76 10.14
N ILE A 399 -10.72 6.97 9.75
CA ILE A 399 -11.49 7.90 10.56
C ILE A 399 -12.74 8.26 9.77
N ASP A 400 -13.90 7.90 10.29
CA ASP A 400 -15.16 8.14 9.60
C ASP A 400 -15.82 9.39 10.17
N VAL A 401 -15.96 10.41 9.35
CA VAL A 401 -16.67 11.65 9.71
C VAL A 401 -17.82 11.83 8.74
N THR A 402 -19.00 12.11 9.29
CA THR A 402 -20.20 12.35 8.51
C THR A 402 -20.62 13.80 8.70
N TYR A 403 -21.09 14.43 7.62
CA TYR A 403 -21.42 15.84 7.63
C TYR A 403 -22.93 16.03 7.45
N GLN A 404 -23.47 17.06 8.11
CA GLN A 404 -24.88 17.37 8.02
C GLN A 404 -25.08 18.88 7.96
N LEU A 405 -26.11 19.29 7.23
CA LEU A 405 -26.51 20.69 7.20
C LEU A 405 -27.72 20.88 8.11
N GLU A 406 -27.71 21.96 8.89
CA GLU A 406 -28.85 22.31 9.73
C GLU A 406 -29.11 23.80 9.63
N ILE A 407 -30.35 24.18 9.93
CA ILE A 407 -30.75 25.58 9.82
C ILE A 407 -30.27 26.33 11.07
N VAL A 408 -29.71 27.52 10.84
CA VAL A 408 -29.13 28.32 11.90
C VAL A 408 -30.21 28.75 12.89
N ASP A 409 -31.09 29.65 12.46
CA ASP A 409 -32.14 30.14 13.34
C ASP A 409 -33.23 29.09 13.48
N ARG A 410 -33.77 28.97 14.71
CA ARG A 410 -34.79 27.98 15.01
C ARG A 410 -36.21 28.56 14.93
N GLN A 411 -36.42 29.76 15.46
CA GLN A 411 -37.73 30.41 15.47
C GLN A 411 -37.98 31.08 14.11
N ILE A 412 -38.18 30.23 13.10
CA ILE A 412 -38.35 30.66 11.72
C ILE A 412 -39.68 30.15 11.20
N THR A 413 -40.40 30.99 10.47
CA THR A 413 -41.72 30.62 9.97
C THR A 413 -41.64 29.41 9.05
N ALA A 414 -42.75 28.67 8.97
CA ALA A 414 -42.80 27.48 8.13
C ALA A 414 -42.42 27.80 6.70
N GLU A 415 -42.86 28.95 6.19
CA GLU A 415 -42.55 29.33 4.82
C GLU A 415 -41.05 29.52 4.62
N ALA A 416 -40.37 30.10 5.62
CA ALA A 416 -38.93 30.32 5.53
C ALA A 416 -38.14 29.03 5.60
N GLN A 417 -38.69 27.98 6.21
CA GLN A 417 -38.00 26.70 6.27
C GLN A 417 -37.78 26.09 4.89
N SER A 418 -38.58 26.46 3.89
CA SER A 418 -38.45 25.87 2.56
C SER A 418 -37.33 26.47 1.73
N CYS A 419 -36.85 27.68 2.03
CA CYS A 419 -35.71 28.20 1.28
C CYS A 419 -34.50 27.29 1.42
N TYR A 420 -34.41 26.54 2.51
CA TYR A 420 -33.24 25.73 2.80
C TYR A 420 -33.23 24.40 2.04
N TRP A 421 -34.31 24.08 1.32
CA TRP A 421 -34.31 22.91 0.44
C TRP A 421 -33.40 23.11 -0.76
N ALA A 422 -33.02 24.35 -1.06
CA ALA A 422 -32.28 24.65 -2.29
C ALA A 422 -30.94 23.92 -2.31
N VAL A 423 -30.39 23.62 -1.16
CA VAL A 423 -29.07 23.02 -1.06
C VAL A 423 -29.17 21.79 -0.17
N SER A 424 -28.43 20.75 -0.53
CA SER A 424 -28.33 19.55 0.28
C SER A 424 -26.88 19.11 0.31
N LEU A 425 -26.58 18.07 1.08
CA LEU A 425 -25.21 17.63 1.29
C LEU A 425 -25.08 16.13 1.03
N ALA A 426 -23.97 15.73 0.42
CA ALA A 426 -23.70 14.33 0.16
C ALA A 426 -22.35 13.94 0.73
N GLN A 427 -22.31 12.75 1.33
CA GLN A 427 -21.06 12.20 1.84
C GLN A 427 -20.16 11.75 0.70
N ASN A 428 -18.93 12.24 0.70
CA ASN A 428 -17.93 11.72 -0.23
C ASN A 428 -16.93 10.87 0.55
N PRO A 429 -17.30 9.66 0.96
CA PRO A 429 -16.42 8.86 1.83
C PRO A 429 -15.04 8.65 1.22
N ASN A 430 -14.86 9.02 -0.05
CA ASN A 430 -13.53 8.97 -0.66
C ASN A 430 -12.52 9.75 0.17
N ASP A 431 -12.91 10.94 0.65
CA ASP A 431 -12.05 11.81 1.45
C ASP A 431 -12.50 11.96 2.88
N ASN A 432 -13.70 11.50 3.22
CA ASN A 432 -14.38 11.98 4.42
C ASN A 432 -14.68 13.47 4.27
N THR A 433 -15.02 13.86 3.05
CA THR A 433 -15.36 15.23 2.69
C THR A 433 -16.87 15.35 2.50
N GLY A 434 -17.38 16.57 2.61
CA GLY A 434 -18.78 16.85 2.33
C GLY A 434 -18.89 17.65 1.05
N VAL A 435 -19.88 17.30 0.22
CA VAL A 435 -20.11 17.96 -1.07
C VAL A 435 -21.47 18.65 -1.03
N LEU A 436 -21.46 19.98 -1.12
CA LEU A 436 -22.68 20.77 -1.27
C LEU A 436 -23.15 20.78 -2.72
N TYR A 437 -24.43 20.52 -2.92
CA TYR A 437 -25.00 20.53 -4.25
C TYR A 437 -26.39 21.14 -4.17
N VAL A 438 -26.89 21.54 -5.33
CA VAL A 438 -28.23 22.12 -5.40
C VAL A 438 -29.26 21.00 -5.35
N ASN A 439 -30.41 21.30 -4.77
CA ASN A 439 -31.49 20.33 -4.69
C ASN A 439 -32.74 20.86 -5.39
N ASP A 440 -33.52 21.69 -4.70
CA ASP A 440 -34.76 22.24 -5.24
C ASP A 440 -34.47 23.65 -5.75
N THR A 441 -34.56 23.83 -7.06
CA THR A 441 -34.38 25.14 -7.66
C THR A 441 -35.66 25.96 -7.69
N LYS A 442 -36.82 25.30 -7.57
CA LYS A 442 -38.10 26.02 -7.59
C LYS A 442 -38.17 27.09 -6.51
N VAL A 443 -37.53 26.84 -5.37
CA VAL A 443 -37.57 27.79 -4.27
C VAL A 443 -36.67 28.99 -4.52
N LEU A 444 -35.73 28.90 -5.47
CA LEU A 444 -34.85 30.02 -5.77
C LEU A 444 -35.59 31.18 -6.42
N ARG A 445 -36.77 30.94 -6.98
CA ARG A 445 -37.51 32.03 -7.61
C ARG A 445 -38.00 33.05 -6.59
N ARG A 446 -37.80 32.81 -5.29
CA ARG A 446 -38.21 33.75 -4.26
C ARG A 446 -37.03 34.59 -3.84
N PRO A 447 -37.07 35.92 -3.98
CA PRO A 447 -35.89 36.73 -3.63
C PRO A 447 -35.39 36.51 -2.22
N GLU A 448 -36.26 36.14 -1.28
CA GLU A 448 -35.82 35.87 0.09
C GLU A 448 -35.02 34.57 0.21
N CYS A 449 -35.12 33.68 -0.78
CA CYS A 449 -34.44 32.38 -0.77
C CYS A 449 -33.07 32.43 -1.42
N GLN A 450 -32.51 33.61 -1.65
CA GLN A 450 -31.24 33.70 -2.37
C GLN A 450 -30.02 33.85 -1.46
N GLU A 451 -30.23 34.05 -0.17
CA GLU A 451 -29.14 34.14 0.79
C GLU A 451 -29.43 33.18 1.94
N LEU A 452 -28.69 32.07 1.99
CA LEU A 452 -28.94 31.00 2.93
C LEU A 452 -27.80 30.91 3.93
N GLU A 453 -28.14 30.76 5.20
CA GLU A 453 -27.17 30.65 6.29
C GLU A 453 -27.40 29.31 6.96
N TYR A 454 -26.42 28.41 6.86
CA TYR A 454 -26.52 27.08 7.45
C TYR A 454 -25.50 26.92 8.56
N VAL A 455 -25.73 25.89 9.36
CA VAL A 455 -24.72 25.32 10.23
C VAL A 455 -24.33 23.97 9.63
N VAL A 456 -23.04 23.73 9.49
CA VAL A 456 -22.55 22.42 9.09
C VAL A 456 -22.08 21.71 10.34
N ILE A 457 -22.47 20.44 10.48
CA ILE A 457 -22.15 19.63 11.63
C ILE A 457 -21.40 18.41 11.14
N ALA A 458 -20.18 18.24 11.63
CA ALA A 458 -19.41 17.02 11.37
C ALA A 458 -19.47 16.17 12.62
N GLN A 459 -19.44 14.85 12.43
CA GLN A 459 -19.53 13.89 13.53
C GLN A 459 -18.55 12.75 13.26
N GLU A 460 -17.56 12.60 14.14
CA GLU A 460 -16.71 11.42 14.13
C GLU A 460 -17.49 10.24 14.70
N GLN A 461 -17.39 9.07 14.07
CA GLN A 461 -18.32 8.00 14.38
C GLN A 461 -17.94 7.20 15.62
N GLN A 462 -16.67 6.79 15.72
CA GLN A 462 -16.26 5.94 16.83
C GLN A 462 -16.53 6.60 18.19
N ASN A 463 -16.21 7.89 18.34
CA ASN A 463 -16.38 8.56 19.63
C ASN A 463 -17.54 9.54 19.68
N LYS A 464 -18.21 9.79 18.56
CA LYS A 464 -19.34 10.69 18.52
C LYS A 464 -18.94 12.15 18.81
N LEU A 465 -17.68 12.49 18.54
CA LEU A 465 -17.23 13.87 18.64
C LEU A 465 -17.80 14.71 17.49
N GLN A 466 -18.28 15.90 17.83
CA GLN A 466 -18.93 16.79 16.86
C GLN A 466 -18.16 18.09 16.75
N ALA A 467 -18.17 18.66 15.54
CA ALA A 467 -17.68 20.00 15.27
C ALA A 467 -18.70 20.75 14.44
N LYS A 468 -18.81 22.05 14.65
CA LYS A 468 -19.73 22.82 13.85
C LYS A 468 -18.98 23.98 13.21
N THR A 469 -19.54 24.47 12.10
CA THR A 469 -19.10 25.73 11.52
C THR A 469 -20.26 26.36 10.78
N GLN A 470 -20.12 27.63 10.44
CA GLN A 470 -21.16 28.37 9.76
C GLN A 470 -20.96 28.31 8.24
N LEU A 471 -22.05 28.45 7.51
CA LEU A 471 -21.98 28.29 6.06
C LEU A 471 -23.06 29.16 5.42
N THR A 472 -22.64 30.03 4.49
CA THR A 472 -23.58 30.85 3.72
C THR A 472 -23.48 30.51 2.24
N VAL A 473 -24.63 30.47 1.57
CA VAL A 473 -24.71 30.26 0.14
C VAL A 473 -25.45 31.45 -0.47
N SER A 474 -24.86 32.07 -1.48
CA SER A 474 -25.45 33.24 -2.13
C SER A 474 -25.72 32.90 -3.59
N PHE A 475 -26.99 32.87 -3.96
CA PHE A 475 -27.40 32.59 -5.33
C PHE A 475 -27.46 33.92 -6.10
N GLN A 476 -26.50 34.12 -6.98
CA GLN A 476 -26.38 35.38 -7.70
C GLN A 476 -26.48 35.17 -9.21
N LEU B 1 -15.24 46.54 -7.42
CA LEU B 1 -16.12 46.72 -6.27
C LEU B 1 -16.62 45.36 -5.79
N TYR B 2 -16.69 45.15 -4.49
CA TYR B 2 -17.31 43.94 -3.99
C TYR B 2 -17.97 44.23 -2.65
N PHE B 3 -18.94 43.39 -2.30
CA PHE B 3 -19.69 43.56 -1.08
C PHE B 3 -18.99 42.78 0.03
N PRO B 4 -18.64 43.43 1.14
CA PRO B 4 -18.08 42.67 2.28
C PRO B 4 -19.11 41.81 2.97
N GLN B 5 -20.40 42.05 2.72
CA GLN B 5 -21.49 41.31 3.36
C GLN B 5 -22.66 41.23 2.39
N ARG B 6 -23.30 40.06 2.31
CA ARG B 6 -24.34 39.84 1.30
C ARG B 6 -25.76 40.00 1.82
N LEU B 7 -25.97 40.10 3.12
CA LEU B 7 -27.32 40.21 3.66
C LEU B 7 -27.31 41.22 4.79
N TYR B 8 -28.18 42.23 4.70
CA TYR B 8 -28.42 43.19 5.76
C TYR B 8 -29.81 42.98 6.35
N THR B 9 -29.95 43.17 7.66
CA THR B 9 -31.27 43.07 8.27
C THR B 9 -31.46 44.18 9.29
N GLU B 10 -32.71 44.57 9.43
CA GLU B 10 -33.11 45.60 10.38
C GLU B 10 -34.59 45.46 10.61
N ASN B 11 -35.05 46.15 11.65
CA ASN B 11 -36.46 46.36 11.96
C ASN B 11 -36.87 47.77 11.54
N ILE B 12 -38.10 47.87 11.07
CA ILE B 12 -38.78 49.14 10.90
C ILE B 12 -40.10 49.06 11.65
N TYR B 13 -40.56 50.20 12.15
CA TYR B 13 -41.67 50.26 13.09
C TYR B 13 -42.78 51.16 12.58
N VAL B 14 -44.02 50.83 12.95
CA VAL B 14 -45.11 51.80 12.77
C VAL B 14 -44.72 53.11 13.44
N GLY B 15 -44.98 54.22 12.74
CA GLY B 15 -44.68 55.54 13.24
C GLY B 15 -43.31 56.07 12.91
N GLN B 16 -42.48 55.29 12.21
CA GLN B 16 -41.20 55.78 11.73
C GLN B 16 -41.42 56.75 10.56
N GLN B 17 -40.61 57.80 10.51
CA GLN B 17 -40.96 58.97 9.71
C GLN B 17 -40.10 59.07 8.46
N GLN B 18 -40.66 59.74 7.44
CA GLN B 18 -39.93 59.98 6.21
C GLN B 18 -38.56 60.58 6.53
N GLY B 19 -37.55 60.14 5.78
CA GLY B 19 -36.23 60.72 5.88
C GLY B 19 -35.38 60.16 7.00
N SER B 20 -35.86 59.17 7.74
CA SER B 20 -35.06 58.62 8.81
C SER B 20 -34.11 57.57 8.24
N PRO B 21 -32.83 57.61 8.58
CA PRO B 21 -31.90 56.62 8.05
C PRO B 21 -32.09 55.26 8.71
N LEU B 22 -31.90 54.20 7.93
CA LEU B 22 -32.08 52.85 8.48
C LEU B 22 -30.80 52.05 8.66
N LEU B 23 -29.87 52.11 7.70
CA LEU B 23 -28.63 51.33 7.69
C LEU B 23 -27.81 51.84 6.48
N GLN B 24 -26.60 51.30 6.32
CA GLN B 24 -25.65 51.77 5.31
C GLN B 24 -25.01 50.58 4.63
N VAL B 25 -25.27 50.41 3.31
CA VAL B 25 -24.67 49.35 2.51
C VAL B 25 -23.24 49.76 2.14
N ILE B 26 -22.32 48.79 2.18
CA ILE B 26 -20.89 49.02 1.99
C ILE B 26 -20.43 48.32 0.72
N SER B 27 -19.65 49.04 -0.07
CA SER B 27 -18.93 48.48 -1.21
C SER B 27 -17.44 48.75 -1.01
N MET B 28 -16.62 47.77 -1.29
CA MET B 28 -15.19 47.86 -1.06
C MET B 28 -14.46 47.99 -2.39
N ARG B 29 -13.56 48.96 -2.49
CA ARG B 29 -12.96 49.30 -3.76
C ARG B 29 -11.84 48.32 -4.07
N GLU B 30 -11.66 48.04 -5.37
CA GLU B 30 -10.55 47.20 -5.79
C GLU B 30 -9.47 47.96 -6.52
N PHE B 31 -9.63 49.27 -6.69
CA PHE B 31 -8.62 50.17 -7.20
C PHE B 31 -8.76 51.51 -6.48
N PRO B 32 -7.68 52.31 -6.44
CA PRO B 32 -7.67 53.47 -5.53
C PRO B 32 -8.66 54.55 -5.91
N THR B 33 -8.92 54.76 -7.19
CA THR B 33 -9.86 55.79 -7.63
C THR B 33 -11.23 55.24 -7.95
N GLU B 34 -11.40 53.93 -7.88
CA GLU B 34 -12.72 53.36 -8.06
C GLU B 34 -13.66 53.89 -6.98
N ARG B 35 -14.88 54.24 -7.36
CA ARG B 35 -15.88 54.67 -6.39
C ARG B 35 -17.21 53.98 -6.68
N PRO B 36 -18.02 53.76 -5.65
CA PRO B 36 -19.32 53.09 -5.85
C PRO B 36 -20.49 54.04 -6.11
N TYR B 37 -21.45 53.53 -6.88
CA TYR B 37 -22.74 54.17 -7.09
C TYR B 37 -23.83 53.20 -6.65
N PHE B 38 -24.60 53.60 -5.64
CA PHE B 38 -25.63 52.74 -5.05
C PHE B 38 -26.99 53.03 -5.66
N PHE B 39 -27.82 51.99 -5.72
CA PHE B 39 -29.16 52.15 -6.27
C PHE B 39 -30.04 50.99 -5.80
N LEU B 40 -31.34 51.27 -5.69
CA LEU B 40 -32.33 50.25 -5.34
C LEU B 40 -32.79 49.51 -6.60
N CYS B 41 -32.85 48.17 -6.51
CA CYS B 41 -33.16 47.32 -7.66
C CYS B 41 -34.57 46.75 -7.65
N SER B 42 -35.29 46.89 -6.55
CA SER B 42 -36.58 46.21 -6.42
C SER B 42 -37.58 46.78 -7.43
N HIS B 43 -38.14 45.91 -8.27
CA HIS B 43 -39.00 46.35 -9.36
C HIS B 43 -40.47 46.30 -9.01
N ARG B 44 -41.05 45.09 -8.96
CA ARG B 44 -42.51 44.92 -8.98
C ARG B 44 -43.18 45.21 -7.64
N ASP B 45 -42.44 45.29 -6.54
CA ASP B 45 -43.06 45.36 -5.22
C ASP B 45 -43.54 46.77 -4.88
N ALA B 46 -44.72 46.85 -4.28
CA ALA B 46 -45.30 48.14 -3.92
C ALA B 46 -44.51 48.83 -2.81
N PHE B 47 -43.88 48.09 -1.91
CA PHE B 47 -43.17 48.73 -0.81
C PHE B 47 -41.81 49.31 -1.21
N THR B 48 -41.36 49.10 -2.44
CA THR B 48 -40.05 49.63 -2.83
C THR B 48 -40.06 51.16 -2.86
N SER B 49 -41.18 51.75 -3.27
CA SER B 49 -41.34 53.21 -3.32
C SER B 49 -41.33 53.80 -1.91
N TRP B 50 -41.25 52.95 -0.89
CA TRP B 50 -41.13 53.42 0.49
C TRP B 50 -39.72 53.82 0.86
N PHE B 51 -38.73 53.56 0.01
CA PHE B 51 -37.35 53.66 0.43
C PHE B 51 -36.53 54.44 -0.58
N HIS B 52 -35.38 54.90 -0.10
CA HIS B 52 -34.44 55.66 -0.91
C HIS B 52 -33.02 55.40 -0.40
N ILE B 53 -32.08 55.21 -1.32
CA ILE B 53 -30.68 55.05 -0.95
C ILE B 53 -29.89 56.20 -1.59
N ASP B 54 -29.00 56.81 -0.79
CA ASP B 54 -28.07 57.81 -1.31
C ASP B 54 -27.08 57.14 -2.25
N GLU B 55 -27.13 57.56 -3.51
CA GLU B 55 -26.28 56.97 -4.55
C GLU B 55 -24.81 57.07 -4.19
N ALA B 56 -24.40 58.17 -3.55
CA ALA B 56 -23.02 58.30 -3.12
C ALA B 56 -22.72 57.54 -1.83
N SER B 57 -23.53 57.71 -0.78
CA SER B 57 -23.15 57.21 0.54
C SER B 57 -23.52 55.74 0.78
N GLY B 58 -24.56 55.25 0.12
CA GLY B 58 -25.06 53.92 0.42
C GLY B 58 -26.01 53.87 1.59
N VAL B 59 -26.43 55.02 2.11
CA VAL B 59 -27.36 55.02 3.23
C VAL B 59 -28.77 54.82 2.70
N LEU B 60 -29.44 53.80 3.22
CA LEU B 60 -30.84 53.55 2.96
C LEU B 60 -31.71 54.39 3.91
N TYR B 61 -32.68 55.12 3.35
CA TYR B 61 -33.61 55.97 4.09
C TYR B 61 -35.06 55.52 3.87
N LEU B 62 -35.92 55.89 4.83
CA LEU B 62 -37.36 55.73 4.64
C LEU B 62 -37.87 56.87 3.78
N ASN B 63 -38.62 56.52 2.73
CA ASN B 63 -39.24 57.48 1.82
C ASN B 63 -40.71 57.70 2.13
N LYS B 64 -41.16 57.30 3.31
CA LYS B 64 -42.57 57.36 3.70
C LYS B 64 -42.68 57.17 5.20
N THR B 65 -43.55 57.93 5.84
CA THR B 65 -43.80 57.73 7.26
C THR B 65 -44.76 56.55 7.42
N LEU B 66 -44.35 55.54 8.18
CA LEU B 66 -45.11 54.29 8.25
C LEU B 66 -46.34 54.46 9.12
N GLU B 67 -47.51 54.16 8.55
CA GLU B 67 -48.76 54.15 9.28
C GLU B 67 -49.23 52.72 9.51
N TRP B 68 -50.15 52.56 10.46
CA TRP B 68 -50.74 51.24 10.74
C TRP B 68 -51.32 50.60 9.48
N SER B 69 -51.95 51.41 8.63
CA SER B 69 -52.52 50.85 7.40
C SER B 69 -51.45 50.26 6.52
N ASP B 70 -50.26 50.86 6.49
CA ASP B 70 -49.20 50.30 5.66
C ASP B 70 -48.88 48.86 6.05
N PHE B 71 -49.04 48.51 7.32
CA PHE B 71 -48.67 47.16 7.73
C PHE B 71 -49.77 46.17 7.37
N SER B 72 -51.01 46.49 7.71
CA SER B 72 -52.09 45.52 7.50
C SER B 72 -52.37 45.30 6.01
N SER B 73 -52.10 46.30 5.17
CA SER B 73 -52.28 46.13 3.73
C SER B 73 -51.10 45.44 3.07
N LEU B 74 -50.01 45.21 3.76
CA LEU B 74 -48.90 44.51 3.14
C LEU B 74 -49.22 43.02 3.14
N ARG B 75 -49.50 42.48 1.96
CA ARG B 75 -49.90 41.08 1.84
C ARG B 75 -51.07 40.75 2.78
N SER B 76 -52.19 41.41 2.49
CA SER B 76 -53.38 41.31 3.33
C SER B 76 -53.88 39.88 3.41
N GLY B 77 -54.25 39.46 4.63
CA GLY B 77 -54.72 38.12 4.90
C GLY B 77 -53.69 37.20 5.50
N SER B 78 -52.40 37.53 5.38
CA SER B 78 -51.35 36.74 6.00
C SER B 78 -51.32 37.07 7.48
N VAL B 79 -51.16 36.04 8.31
CA VAL B 79 -51.19 36.22 9.75
C VAL B 79 -49.81 36.45 10.32
N ARG B 80 -48.78 36.48 9.47
CA ARG B 80 -47.41 36.68 9.95
C ARG B 80 -47.23 38.09 10.50
N SER B 81 -46.31 38.20 11.48
CA SER B 81 -45.97 39.47 12.12
C SER B 81 -44.78 39.30 13.07
N PRO B 82 -43.64 39.96 12.82
CA PRO B 82 -43.44 40.97 11.77
C PRO B 82 -43.60 40.42 10.36
N LYS B 83 -43.56 41.32 9.39
CA LYS B 83 -43.61 40.96 7.97
C LYS B 83 -42.27 41.34 7.34
N ASP B 84 -41.59 40.37 6.77
CA ASP B 84 -40.25 40.59 6.24
C ASP B 84 -40.32 41.23 4.86
N LEU B 85 -39.57 42.31 4.67
CA LEU B 85 -39.45 42.99 3.39
C LEU B 85 -38.07 42.74 2.82
N THR B 86 -37.99 42.27 1.58
CA THR B 86 -36.70 42.03 0.93
C THR B 86 -36.45 43.08 -0.14
N LEU B 87 -35.40 43.86 0.06
CA LEU B 87 -34.96 44.86 -0.89
C LEU B 87 -33.64 44.41 -1.50
N LYS B 88 -33.44 44.78 -2.76
CA LYS B 88 -32.19 44.48 -3.45
C LYS B 88 -31.47 45.79 -3.72
N VAL B 89 -30.21 45.88 -3.28
CA VAL B 89 -29.37 47.05 -3.51
C VAL B 89 -28.25 46.65 -4.47
N GLY B 90 -28.06 47.46 -5.52
CA GLY B 90 -26.97 47.25 -6.47
C GLY B 90 -25.90 48.33 -6.40
N VAL B 91 -24.71 48.01 -6.89
CA VAL B 91 -23.60 48.95 -6.94
C VAL B 91 -22.95 48.92 -8.32
N SER B 92 -22.43 50.07 -8.74
CA SER B 92 -21.74 50.20 -10.02
C SER B 92 -20.53 51.09 -9.85
N SER B 93 -19.53 50.88 -10.72
CA SER B 93 -18.33 51.72 -10.80
C SER B 93 -18.55 52.97 -11.60
N THR B 94 -19.60 53.03 -12.41
CA THR B 94 -19.97 54.19 -13.20
C THR B 94 -21.40 54.59 -12.87
N PRO B 95 -21.89 55.73 -13.37
CA PRO B 95 -23.23 56.20 -13.01
C PRO B 95 -24.28 55.13 -13.26
N PRO B 96 -25.10 54.81 -12.26
CA PRO B 96 -26.03 53.68 -12.41
C PRO B 96 -26.97 53.87 -13.60
N MET B 97 -27.32 52.76 -14.22
CA MET B 97 -28.36 52.72 -15.25
C MET B 97 -29.34 51.59 -14.91
N LYS B 98 -30.56 51.69 -15.46
CA LYS B 98 -31.60 50.74 -15.09
C LYS B 98 -31.15 49.31 -15.36
N VAL B 99 -30.47 49.08 -16.50
CA VAL B 99 -30.07 47.73 -16.87
C VAL B 99 -29.18 47.09 -15.82
N MET B 100 -28.54 47.90 -14.97
CA MET B 100 -27.56 47.37 -14.04
C MET B 100 -28.20 46.50 -12.97
N CYS B 101 -29.50 46.67 -12.71
CA CYS B 101 -30.16 45.85 -11.71
C CYS B 101 -30.23 44.39 -12.16
N THR B 102 -30.27 44.17 -13.47
CA THR B 102 -30.35 42.81 -14.02
C THR B 102 -29.00 42.12 -14.17
N ILE B 103 -27.90 42.87 -14.26
CA ILE B 103 -26.63 42.29 -14.67
C ILE B 103 -25.48 42.59 -13.72
N LEU B 104 -25.70 43.40 -12.67
CA LEU B 104 -24.61 43.58 -11.70
C LEU B 104 -24.97 42.96 -10.37
N PRO B 105 -23.98 42.43 -9.64
CA PRO B 105 -24.26 41.80 -8.35
C PRO B 105 -25.05 42.71 -7.42
N THR B 106 -25.83 42.08 -6.55
CA THR B 106 -26.70 42.76 -5.60
C THR B 106 -26.52 42.13 -4.22
N VAL B 107 -26.83 42.93 -3.19
CA VAL B 107 -26.99 42.45 -1.82
C VAL B 107 -28.46 42.55 -1.46
N GLU B 108 -28.87 41.71 -0.52
CA GLU B 108 -30.25 41.70 -0.06
C GLU B 108 -30.35 42.47 1.26
N VAL B 109 -31.37 43.30 1.37
CA VAL B 109 -31.70 43.98 2.62
C VAL B 109 -33.04 43.41 3.07
N LYS B 110 -33.05 42.76 4.21
CA LYS B 110 -34.26 42.15 4.74
C LYS B 110 -34.71 43.01 5.91
N LEU B 111 -35.83 43.71 5.73
CA LEU B 111 -36.40 44.55 6.77
C LEU B 111 -37.56 43.81 7.41
N SER B 112 -37.57 43.75 8.75
CA SER B 112 -38.71 43.23 9.50
C SER B 112 -39.62 44.41 9.87
N PHE B 113 -40.82 44.45 9.29
CA PHE B 113 -41.79 45.51 9.55
C PHE B 113 -42.59 45.05 10.77
N ILE B 114 -42.32 45.68 11.91
CA ILE B 114 -42.97 45.33 13.17
C ILE B 114 -44.28 46.10 13.28
N ASN B 115 -45.34 45.40 13.67
CA ASN B 115 -46.67 46.03 13.75
C ASN B 115 -46.82 46.72 15.11
N ASP B 116 -45.95 47.69 15.35
CA ASP B 116 -45.90 48.38 16.63
C ASP B 116 -45.06 49.63 16.43
N THR B 117 -45.17 50.56 17.38
CA THR B 117 -44.25 51.68 17.43
C THR B 117 -42.92 51.26 18.07
N ALA B 118 -41.90 52.09 17.87
CA ALA B 118 -40.60 51.85 18.45
C ALA B 118 -40.68 51.77 19.99
N PRO B 119 -39.76 51.03 20.62
CA PRO B 119 -39.74 50.99 22.09
C PRO B 119 -39.29 52.32 22.65
N SER B 120 -39.76 52.62 23.87
CA SER B 120 -39.26 53.77 24.62
C SER B 120 -37.86 53.50 25.14
N CYS B 121 -37.14 54.58 25.44
CA CYS B 121 -35.74 54.43 25.88
C CYS B 121 -35.62 53.49 27.07
N GLY B 122 -36.52 53.61 28.05
CA GLY B 122 -36.46 52.79 29.25
C GLY B 122 -36.69 51.31 29.03
N GLN B 123 -37.09 50.89 27.83
CA GLN B 123 -37.39 49.49 27.56
C GLN B 123 -36.21 48.70 27.01
N VAL B 124 -35.23 49.35 26.42
CA VAL B 124 -34.19 48.67 25.64
C VAL B 124 -32.93 48.54 26.49
N GLU B 125 -32.23 47.42 26.30
CA GLU B 125 -30.88 47.29 26.83
C GLU B 125 -29.93 48.11 25.96
N LEU B 126 -28.80 48.52 26.55
CA LEU B 126 -27.83 49.28 25.77
C LEU B 126 -27.36 48.54 24.53
N SER B 127 -27.36 47.20 24.56
CA SER B 127 -26.83 46.48 23.40
C SER B 127 -27.76 46.62 22.19
N THR B 128 -29.07 46.76 22.41
CA THR B 128 -29.95 46.99 21.27
C THR B 128 -29.81 48.40 20.71
N LEU B 129 -29.43 49.36 21.55
CA LEU B 129 -29.07 50.70 21.07
C LEU B 129 -27.82 50.68 20.17
N CYS B 130 -26.87 49.81 20.48
CA CYS B 130 -25.54 49.84 19.90
C CYS B 130 -25.40 49.00 18.64
N PHE B 131 -26.02 47.82 18.58
CA PHE B 131 -25.74 46.76 17.62
C PHE B 131 -27.01 46.23 16.99
N PRO B 132 -26.91 45.71 15.76
CA PRO B 132 -28.03 44.94 15.19
C PRO B 132 -28.17 43.61 15.90
N GLU B 133 -29.38 43.07 15.83
CA GLU B 133 -29.66 41.83 16.56
C GLU B 133 -28.84 40.68 15.97
N LYS B 134 -28.92 40.51 14.66
CA LYS B 134 -28.20 39.44 13.97
C LYS B 134 -26.73 39.79 13.85
N ILE B 135 -25.86 38.85 14.22
CA ILE B 135 -24.41 38.99 14.04
C ILE B 135 -24.06 38.57 12.62
N SER B 136 -23.27 39.40 11.94
CA SER B 136 -22.88 39.16 10.56
C SER B 136 -21.36 39.21 10.48
N ASN B 137 -20.74 38.16 9.94
CA ASN B 137 -19.28 38.12 9.90
C ASN B 137 -18.82 38.45 8.49
N PRO B 138 -18.25 39.61 8.25
CA PRO B 138 -18.01 40.05 6.88
C PRO B 138 -16.78 39.37 6.29
N HIS B 139 -16.53 39.66 5.03
CA HIS B 139 -15.34 39.18 4.37
C HIS B 139 -14.68 40.33 3.61
N ILE B 140 -13.37 40.22 3.44
CA ILE B 140 -12.62 41.15 2.62
C ILE B 140 -11.63 40.33 1.79
N THR B 141 -11.23 40.86 0.64
CA THR B 141 -10.37 40.13 -0.27
C THR B 141 -8.92 40.59 -0.08
N GLU B 142 -8.01 39.63 -0.04
CA GLU B 142 -6.60 39.97 0.10
C GLU B 142 -6.17 40.81 -1.11
N ASN B 143 -5.13 41.62 -0.90
CA ASN B 143 -4.53 42.43 -1.98
C ASN B 143 -5.52 43.43 -2.56
N ARG B 144 -6.29 44.08 -1.70
CA ARG B 144 -7.24 45.08 -2.15
C ARG B 144 -7.13 46.34 -1.32
N GLU B 145 -8.04 47.24 -1.54
CA GLU B 145 -7.95 48.57 -0.97
C GLU B 145 -8.37 48.57 0.50
N PRO B 146 -7.65 49.27 1.36
CA PRO B 146 -8.20 49.57 2.69
C PRO B 146 -9.42 50.46 2.55
N GLY B 147 -10.29 50.40 3.56
CA GLY B 147 -11.40 51.32 3.62
C GLY B 147 -12.50 50.83 4.56
N ALA B 148 -13.63 51.55 4.48
CA ALA B 148 -14.77 51.27 5.34
C ALA B 148 -15.30 49.89 5.06
N LEU B 149 -15.54 49.16 6.13
CA LEU B 149 -16.01 47.78 6.10
C LEU B 149 -17.43 47.64 6.60
N ARG B 150 -17.79 48.38 7.64
CA ARG B 150 -19.14 48.23 8.18
C ARG B 150 -19.50 49.49 8.93
N GLN B 151 -20.71 50.00 8.72
CA GLN B 151 -21.22 51.07 9.57
C GLN B 151 -21.61 50.47 10.92
N LEU B 152 -21.03 50.98 12.01
CA LEU B 152 -21.30 50.39 13.31
C LEU B 152 -22.53 50.97 14.00
N ARG B 153 -22.83 52.24 13.78
CA ARG B 153 -23.96 52.87 14.43
C ARG B 153 -25.28 52.27 13.95
N ARG B 154 -26.25 52.17 14.86
CA ARG B 154 -27.54 51.53 14.56
C ARG B 154 -28.59 52.61 14.27
N PHE B 155 -28.70 52.96 12.99
CA PHE B 155 -29.38 54.19 12.59
C PHE B 155 -30.82 54.25 13.11
N THR B 156 -31.57 53.16 12.96
CA THR B 156 -32.97 53.18 13.36
C THR B 156 -33.16 53.57 14.83
N HIS B 157 -32.20 53.25 15.70
CA HIS B 157 -32.39 53.50 17.12
C HIS B 157 -31.80 54.79 17.61
N MET B 158 -31.29 55.63 16.72
CA MET B 158 -30.60 56.85 17.14
C MET B 158 -31.44 57.68 18.10
N SER B 159 -32.71 57.87 17.78
CA SER B 159 -33.59 58.75 18.56
C SER B 159 -34.23 58.07 19.77
N ILE B 160 -34.11 56.75 19.92
CA ILE B 160 -34.77 56.04 21.02
C ILE B 160 -34.36 56.63 22.35
N CYS B 161 -33.10 57.04 22.47
CA CYS B 161 -32.53 57.63 23.68
C CYS B 161 -31.82 58.93 23.28
N PRO B 162 -32.58 60.02 23.06
CA PRO B 162 -31.99 61.22 22.44
C PRO B 162 -30.83 61.84 23.21
N ASN B 163 -30.85 61.78 24.54
CA ASN B 163 -29.78 62.38 25.32
C ASN B 163 -28.51 61.53 25.42
N TYR B 164 -28.54 60.27 24.97
CA TYR B 164 -27.34 59.43 24.98
C TYR B 164 -26.47 59.70 23.78
N THR B 165 -25.17 59.91 24.00
CA THR B 165 -24.22 60.02 22.91
C THR B 165 -23.49 58.69 22.77
N ILE B 166 -23.29 58.24 21.53
CA ILE B 166 -22.83 56.88 21.26
C ILE B 166 -21.62 56.90 20.34
N SER B 167 -20.56 56.20 20.74
CA SER B 167 -19.35 56.08 19.93
C SER B 167 -18.82 54.64 20.03
N TYR B 168 -17.80 54.31 19.20
CA TYR B 168 -17.37 52.94 18.98
C TYR B 168 -15.85 52.82 18.97
N GLY B 169 -15.37 51.59 19.21
CA GLY B 169 -13.96 51.28 19.08
C GLY B 169 -13.73 49.81 18.89
N VAL B 170 -12.51 49.47 18.51
CA VAL B 170 -12.10 48.09 18.28
C VAL B 170 -11.05 47.73 19.32
N VAL B 171 -11.15 46.53 19.87
CA VAL B 171 -10.10 45.90 20.66
C VAL B 171 -9.90 44.49 20.15
N ALA B 172 -8.65 44.05 20.09
CA ALA B 172 -8.35 42.67 19.71
C ALA B 172 -7.32 42.11 20.68
N GLY B 173 -6.96 40.84 20.49
CA GLY B 173 -5.92 40.22 21.30
C GLY B 173 -4.54 40.63 20.84
N SER B 174 -4.33 40.61 19.53
CA SER B 174 -3.12 41.12 18.92
C SER B 174 -3.40 42.49 18.30
N SER B 175 -2.35 43.09 17.74
CA SER B 175 -2.55 44.24 16.87
C SER B 175 -3.23 43.79 15.59
N VAL B 176 -4.19 44.58 15.11
CA VAL B 176 -4.94 44.19 13.92
C VAL B 176 -5.10 45.39 13.00
N PRO B 177 -5.20 45.13 11.68
CA PRO B 177 -5.41 46.20 10.69
C PRO B 177 -6.87 46.66 10.64
N PHE B 178 -7.39 47.06 11.79
CA PHE B 178 -8.78 47.50 11.86
C PHE B 178 -8.90 48.69 12.81
N ALA B 179 -9.83 49.57 12.50
CA ALA B 179 -10.05 50.72 13.36
C ALA B 179 -11.43 51.30 13.09
N VAL B 180 -11.88 52.15 14.00
CA VAL B 180 -13.14 52.86 13.85
C VAL B 180 -12.85 54.30 13.42
N ASP B 181 -13.48 54.72 12.34
CA ASP B 181 -13.41 56.11 11.90
C ASP B 181 -14.28 56.95 12.82
N ASP B 182 -13.64 57.80 13.63
CA ASP B 182 -14.34 58.62 14.61
C ASP B 182 -15.44 59.48 13.99
N SER B 183 -15.25 59.91 12.74
CA SER B 183 -16.17 60.85 12.12
C SER B 183 -17.39 60.16 11.52
N THR B 184 -17.25 58.94 10.99
CA THR B 184 -18.37 58.23 10.41
C THR B 184 -18.83 57.01 11.21
N SER B 185 -18.21 56.71 12.36
CA SER B 185 -18.44 55.46 13.08
C SER B 185 -18.35 54.22 12.19
N GLU B 186 -17.44 54.19 11.21
CA GLU B 186 -17.29 53.02 10.37
C GLU B 186 -16.15 52.17 10.88
N LEU B 187 -16.35 50.86 10.91
CA LEU B 187 -15.21 49.96 11.05
C LEU B 187 -14.41 50.02 9.75
N VAL B 188 -13.13 50.31 9.85
CA VAL B 188 -12.29 50.38 8.65
C VAL B 188 -11.22 49.31 8.73
N VAL B 189 -10.88 48.74 7.60
CA VAL B 189 -9.64 47.99 7.46
C VAL B 189 -8.57 48.97 7.02
N THR B 190 -7.45 48.99 7.75
CA THR B 190 -6.44 50.03 7.60
C THR B 190 -5.28 49.62 6.71
N ALA B 191 -5.29 48.40 6.15
CA ALA B 191 -4.18 47.92 5.33
C ALA B 191 -4.67 46.88 4.33
N GLN B 192 -3.87 46.65 3.29
CA GLN B 192 -4.02 45.45 2.48
C GLN B 192 -3.72 44.23 3.34
N VAL B 193 -4.45 43.14 3.12
CA VAL B 193 -4.22 41.94 3.91
C VAL B 193 -3.75 40.82 2.98
N ASP B 194 -3.15 39.80 3.58
CA ASP B 194 -2.61 38.66 2.87
C ASP B 194 -3.25 37.41 3.48
N ARG B 195 -4.13 36.76 2.72
CA ARG B 195 -4.72 35.51 3.19
C ARG B 195 -3.65 34.52 3.65
N GLU B 196 -2.51 34.46 2.94
CA GLU B 196 -1.49 33.48 3.32
C GLU B 196 -0.92 33.75 4.70
N GLU B 197 -1.03 34.98 5.19
CA GLU B 197 -0.55 35.29 6.53
C GLU B 197 -1.63 35.10 7.59
N LYS B 198 -2.85 35.52 7.31
CA LYS B 198 -3.93 35.41 8.28
C LYS B 198 -5.24 35.28 7.52
N GLU B 199 -6.01 34.25 7.86
CA GLU B 199 -7.23 33.92 7.16
C GLU B 199 -8.47 34.45 7.85
N VAL B 200 -8.41 34.74 9.15
CA VAL B 200 -9.56 35.29 9.84
C VAL B 200 -9.07 36.16 11.00
N TYR B 201 -9.79 37.23 11.26
CA TYR B 201 -9.49 38.10 12.37
C TYR B 201 -10.65 38.04 13.36
N HIS B 202 -10.32 38.07 14.65
CA HIS B 202 -11.30 38.04 15.72
C HIS B 202 -11.21 39.37 16.45
N LEU B 203 -12.25 40.19 16.32
CA LEU B 203 -12.28 41.50 16.95
C LEU B 203 -13.40 41.60 17.96
N ASP B 204 -13.20 42.42 18.98
CA ASP B 204 -14.28 42.87 19.84
C ASP B 204 -14.60 44.33 19.53
N ILE B 205 -15.84 44.58 19.18
CA ILE B 205 -16.34 45.94 19.00
C ILE B 205 -16.83 46.43 20.35
N VAL B 206 -16.43 47.64 20.72
CA VAL B 206 -16.87 48.27 21.97
C VAL B 206 -17.81 49.42 21.60
N CYS B 207 -18.95 49.48 22.27
CA CYS B 207 -19.87 50.59 22.09
C CYS B 207 -19.86 51.37 23.40
N MET B 208 -19.50 52.64 23.32
CA MET B 208 -19.42 53.51 24.48
C MET B 208 -20.68 54.36 24.48
N VAL B 209 -21.45 54.27 25.55
CA VAL B 209 -22.71 55.00 25.69
C VAL B 209 -22.55 56.02 26.80
N ARG B 210 -22.62 57.30 26.44
CA ARG B 210 -22.57 58.38 27.41
C ARG B 210 -24.00 58.69 27.80
N THR B 211 -24.42 58.21 28.97
CA THR B 211 -25.74 58.51 29.51
C THR B 211 -25.69 59.84 30.27
N GLU B 212 -26.75 60.13 31.04
CA GLU B 212 -26.84 61.41 31.73
C GLU B 212 -25.86 61.50 32.89
N ARG B 213 -25.45 60.36 33.47
CA ARG B 213 -24.45 60.42 34.54
C ARG B 213 -23.36 59.35 34.43
N ASN B 214 -23.26 58.63 33.32
CA ASN B 214 -22.26 57.57 33.25
C ASN B 214 -21.73 57.42 31.83
N LEU B 215 -20.56 56.80 31.73
CA LEU B 215 -20.03 56.31 30.45
C LEU B 215 -20.03 54.79 30.50
N GLU B 216 -21.00 54.17 29.85
CA GLU B 216 -21.18 52.71 29.83
C GLU B 216 -20.61 52.12 28.55
N GLU B 217 -20.28 50.83 28.61
CA GLU B 217 -19.87 50.18 27.37
C GLU B 217 -20.37 48.74 27.33
N VAL B 218 -20.76 48.32 26.12
CA VAL B 218 -21.17 46.96 25.80
C VAL B 218 -20.36 46.49 24.59
N PHE B 219 -20.12 45.19 24.53
CA PHE B 219 -19.23 44.62 23.54
C PHE B 219 -19.98 43.67 22.63
N ARG B 220 -19.42 43.51 21.42
CA ARG B 220 -19.91 42.56 20.43
CA ARG B 220 -19.91 42.56 20.44
C ARG B 220 -18.71 41.90 19.74
N SER B 221 -18.71 40.58 19.72
CA SER B 221 -17.65 39.80 19.08
C SER B 221 -17.92 39.63 17.58
N LEU B 222 -16.89 39.87 16.76
CA LEU B 222 -17.06 39.81 15.31
C LEU B 222 -15.91 39.04 14.67
N HIS B 223 -16.15 38.45 13.50
CA HIS B 223 -15.09 37.75 12.78
C HIS B 223 -15.07 38.23 11.34
N VAL B 224 -13.88 38.56 10.86
CA VAL B 224 -13.68 38.97 9.48
C VAL B 224 -12.86 37.91 8.76
N ASN B 225 -13.46 37.30 7.75
CA ASN B 225 -12.84 36.32 6.88
C ASN B 225 -12.10 37.00 5.72
N ILE B 226 -10.98 36.40 5.32
CA ILE B 226 -10.16 36.88 4.21
C ILE B 226 -10.31 35.91 3.04
N TYR B 227 -10.85 36.41 1.93
CA TYR B 227 -11.00 35.60 0.73
C TYR B 227 -9.65 35.44 0.02
N ASP B 228 -9.35 34.20 -0.36
CA ASP B 228 -8.10 33.82 -0.98
C ASP B 228 -8.10 34.17 -2.46
N GLU B 229 -6.95 34.61 -2.94
CA GLU B 229 -6.72 34.84 -4.35
C GLU B 229 -5.55 33.95 -4.79
N ASP B 230 -5.47 33.64 -6.09
CA ASP B 230 -4.33 32.87 -6.62
C ASP B 230 -3.19 33.84 -6.86
N ASP B 231 -2.35 34.05 -5.82
CA ASP B 231 -1.24 34.98 -5.92
C ASP B 231 0.10 34.37 -5.51
N ASN B 232 0.19 33.03 -5.50
CA ASN B 232 1.43 32.36 -5.14
C ASN B 232 1.76 31.35 -6.21
N SER B 233 3.01 31.36 -6.67
CA SER B 233 3.32 30.38 -7.68
C SER B 233 3.63 29.02 -7.05
N PRO B 234 3.38 27.93 -7.76
CA PRO B 234 3.73 26.62 -7.24
C PRO B 234 5.23 26.43 -7.21
N TYR B 235 5.70 25.58 -6.30
CA TYR B 235 7.11 25.34 -6.12
C TYR B 235 7.36 23.91 -5.65
N VAL B 236 8.58 23.44 -5.89
CA VAL B 236 9.03 22.13 -5.42
C VAL B 236 9.78 22.33 -4.12
N GLN B 237 9.69 21.35 -3.24
CA GLN B 237 10.39 21.31 -1.97
C GLN B 237 11.48 20.26 -2.10
N GLY B 238 12.71 20.70 -2.20
CA GLY B 238 13.85 19.79 -2.31
C GLY B 238 14.26 19.60 -3.76
N THR B 239 14.14 18.37 -4.25
CA THR B 239 14.51 18.02 -5.62
C THR B 239 13.29 18.07 -6.54
N ASP B 240 13.52 18.46 -7.79
CA ASP B 240 12.52 18.38 -8.84
C ASP B 240 12.68 17.12 -9.70
N THR B 241 13.56 16.20 -9.28
CA THR B 241 13.87 14.99 -10.03
C THR B 241 13.71 13.77 -9.15
N GLU B 242 13.05 12.74 -9.71
CA GLU B 242 12.81 11.47 -9.02
C GLU B 242 13.46 10.33 -9.80
N ASP B 243 14.40 9.61 -9.18
CA ASP B 243 14.98 8.44 -9.81
C ASP B 243 14.02 7.27 -9.68
N VAL B 244 13.70 6.63 -10.81
CA VAL B 244 12.70 5.57 -10.86
C VAL B 244 13.34 4.33 -11.48
N LEU B 245 13.20 3.20 -10.79
CA LEU B 245 13.71 1.93 -11.27
C LEU B 245 12.53 1.00 -11.50
N VAL B 246 12.36 0.55 -12.73
CA VAL B 246 11.36 -0.45 -13.06
C VAL B 246 12.10 -1.78 -13.20
N GLU B 247 11.85 -2.70 -12.28
CA GLU B 247 12.40 -4.04 -12.40
C GLU B 247 11.31 -5.08 -12.23
N PHE B 248 11.19 -5.63 -11.02
CA PHE B 248 10.34 -6.79 -10.78
C PHE B 248 8.86 -6.44 -10.71
N ASP B 249 8.52 -5.22 -10.34
CA ASP B 249 7.14 -4.72 -10.35
C ASP B 249 6.94 -3.98 -11.67
N ARG B 250 6.27 -4.61 -12.62
CA ARG B 250 6.04 -3.98 -13.92
C ARG B 250 4.57 -4.14 -14.34
N SER B 251 3.64 -3.95 -13.41
CA SER B 251 2.25 -4.12 -13.77
C SER B 251 1.57 -2.78 -14.00
N GLU B 252 0.60 -2.79 -14.91
CA GLU B 252 -0.25 -1.63 -15.11
C GLU B 252 -0.78 -1.16 -13.76
N GLY B 253 -0.81 0.15 -13.57
CA GLY B 253 -1.29 0.76 -12.35
C GLY B 253 -0.25 0.98 -11.28
N THR B 254 0.99 0.53 -11.48
CA THR B 254 1.98 0.64 -10.42
C THR B 254 2.60 2.04 -10.43
N VAL B 255 2.71 2.64 -9.24
CA VAL B 255 3.26 3.98 -9.10
C VAL B 255 4.68 3.85 -8.56
N PHE B 256 5.60 4.66 -9.09
CA PHE B 256 7.02 4.46 -8.87
C PHE B 256 7.72 5.54 -8.09
N GLY B 257 7.17 6.73 -7.99
CA GLY B 257 7.86 7.75 -7.23
C GLY B 257 6.94 8.91 -6.96
N THR B 258 7.33 9.72 -5.98
CA THR B 258 6.53 10.87 -5.59
C THR B 258 7.37 12.14 -5.69
N LEU B 259 6.96 13.05 -6.56
CA LEU B 259 7.42 14.42 -6.52
C LEU B 259 6.36 15.28 -5.84
N PHE B 260 6.78 16.11 -4.89
CA PHE B 260 5.87 16.97 -4.14
C PHE B 260 5.95 18.40 -4.67
N VAL B 261 4.81 18.95 -5.07
CA VAL B 261 4.67 20.34 -5.47
C VAL B 261 3.71 21.03 -4.50
N TYR B 262 4.13 22.18 -3.97
CA TYR B 262 3.38 22.93 -2.99
C TYR B 262 2.89 24.25 -3.57
N ASP B 263 1.70 24.68 -3.12
CA ASP B 263 1.13 25.95 -3.54
C ASP B 263 0.40 26.56 -2.36
N ARG B 264 0.78 27.78 -1.99
CA ARG B 264 0.28 28.34 -0.75
C ARG B 264 -1.19 28.72 -0.80
N ASP B 265 -1.76 28.88 -1.99
CA ASP B 265 -3.14 29.28 -2.17
C ASP B 265 -4.09 28.09 -1.96
N THR B 266 -5.35 28.40 -1.66
CA THR B 266 -6.35 27.35 -1.58
C THR B 266 -6.77 26.93 -2.99
N THR B 267 -7.47 25.81 -3.05
CA THR B 267 -7.88 25.22 -4.33
C THR B 267 -9.32 24.74 -4.24
N PRO B 268 -10.26 25.53 -4.73
CA PRO B 268 -11.66 25.10 -4.76
C PRO B 268 -11.91 24.24 -5.99
N VAL B 269 -12.47 23.04 -5.78
CA VAL B 269 -12.73 22.16 -6.91
C VAL B 269 -13.96 22.64 -7.69
N TYR B 270 -14.95 23.20 -6.99
CA TYR B 270 -16.20 23.60 -7.64
C TYR B 270 -16.34 25.12 -7.71
N VAL B 275 -11.73 26.55 -11.79
CA VAL B 275 -10.40 26.53 -12.40
C VAL B 275 -9.38 27.35 -11.60
N GLN B 276 -9.85 28.04 -10.56
CA GLN B 276 -8.96 28.85 -9.75
C GLN B 276 -7.87 28.01 -9.10
N ASN B 277 -6.61 28.42 -9.29
CA ASN B 277 -5.44 27.77 -8.72
C ASN B 277 -5.29 26.32 -9.20
N LYS B 278 -5.96 25.94 -10.27
CA LYS B 278 -5.81 24.61 -10.82
C LYS B 278 -4.46 24.45 -11.52
N LEU B 279 -3.74 23.38 -11.19
CA LEU B 279 -2.45 23.04 -11.80
C LEU B 279 -2.68 21.99 -12.86
N VAL B 280 -2.30 22.28 -14.10
CA VAL B 280 -2.48 21.34 -15.20
C VAL B 280 -1.11 20.97 -15.75
N GLY B 281 -0.91 19.68 -15.98
CA GLY B 281 0.38 19.17 -16.37
C GLY B 281 0.37 18.80 -17.84
N THR B 282 1.58 18.68 -18.40
CA THR B 282 1.78 18.29 -19.78
C THR B 282 2.99 17.37 -19.86
N LEU B 283 2.80 16.19 -20.46
CA LEU B 283 3.91 15.28 -20.72
C LEU B 283 4.84 15.88 -21.78
N MET B 284 6.11 16.06 -21.42
CA MET B 284 7.11 16.67 -22.29
C MET B 284 7.80 15.61 -23.16
N THR B 285 7.02 14.95 -24.02
CA THR B 285 7.62 13.98 -24.93
C THR B 285 6.72 13.77 -26.12
N GLN B 286 7.33 13.41 -27.25
CA GLN B 286 6.61 12.93 -28.41
C GLN B 286 6.76 11.42 -28.60
N ASP B 287 7.57 10.76 -27.77
CA ASP B 287 7.89 9.35 -27.96
C ASP B 287 6.64 8.49 -27.83
N SER B 288 6.32 7.77 -28.92
CA SER B 288 5.14 6.91 -28.91
C SER B 288 5.26 5.80 -27.88
N TRP B 289 6.46 5.23 -27.74
CA TRP B 289 6.65 4.14 -26.80
C TRP B 289 6.39 4.59 -25.37
N ILE B 290 6.99 5.72 -24.97
CA ILE B 290 6.83 6.24 -23.61
C ILE B 290 5.36 6.54 -23.33
N LYS B 291 4.71 7.30 -24.21
CA LYS B 291 3.33 7.68 -23.99
C LYS B 291 2.42 6.45 -23.90
N ASN B 292 2.67 5.42 -24.70
CA ASN B 292 1.84 4.22 -24.65
C ASN B 292 2.07 3.35 -23.41
N ASN B 293 3.12 3.61 -22.64
CA ASN B 293 3.44 2.76 -21.49
C ASN B 293 3.38 3.47 -20.16
N PHE B 294 3.58 4.79 -20.12
CA PHE B 294 3.66 5.56 -18.88
C PHE B 294 2.69 6.72 -18.94
N ALA B 295 2.11 7.03 -17.79
CA ALA B 295 1.36 8.25 -17.61
C ALA B 295 1.79 8.84 -16.28
N ILE B 296 1.46 10.10 -16.05
CA ILE B 296 1.74 10.73 -14.77
C ILE B 296 0.46 10.74 -13.95
N GLU B 297 0.55 10.27 -12.72
CA GLU B 297 -0.59 10.28 -11.81
C GLU B 297 -0.53 11.56 -10.98
N HIS B 298 -1.59 12.35 -11.04
CA HIS B 298 -1.65 13.60 -10.28
C HIS B 298 -2.80 13.52 -9.30
N LYS B 299 -2.49 13.65 -8.01
CA LYS B 299 -3.51 13.84 -6.99
C LYS B 299 -3.11 15.05 -6.16
N PHE B 300 -4.09 15.62 -5.47
CA PHE B 300 -3.82 16.77 -4.63
C PHE B 300 -4.85 16.86 -3.53
N ARG B 301 -4.49 17.61 -2.49
CA ARG B 301 -5.33 17.78 -1.32
C ARG B 301 -5.01 19.15 -0.74
N GLU B 302 -5.94 19.66 0.06
CA GLU B 302 -5.68 20.89 0.78
C GLU B 302 -5.22 20.54 2.19
N GLU B 303 -4.39 21.40 2.76
CA GLU B 303 -3.69 21.03 3.98
C GLU B 303 -3.26 22.30 4.72
N LYS B 304 -3.46 22.29 6.02
CA LYS B 304 -2.91 23.35 6.86
C LYS B 304 -1.68 22.89 7.61
N ALA B 305 -1.56 21.58 7.85
CA ALA B 305 -0.50 21.05 8.71
C ALA B 305 0.89 21.36 8.15
N ILE B 306 1.13 21.00 6.90
CA ILE B 306 2.46 21.21 6.31
C ILE B 306 2.77 22.70 6.13
N PHE B 307 1.75 23.56 5.98
CA PHE B 307 1.97 24.99 5.77
C PHE B 307 1.95 25.79 7.07
N GLY B 308 1.48 25.20 8.15
CA GLY B 308 1.46 25.87 9.43
C GLY B 308 0.12 26.50 9.75
N ASN B 309 0.07 27.82 9.76
CA ASN B 309 -1.08 28.49 10.34
C ASN B 309 -2.23 28.63 9.36
N VAL B 310 -1.99 28.41 8.08
CA VAL B 310 -2.93 28.79 7.03
C VAL B 310 -3.00 27.70 5.98
N ARG B 311 -4.22 27.35 5.60
CA ARG B 311 -4.44 26.26 4.66
C ARG B 311 -3.77 26.53 3.32
N GLY B 312 -3.10 25.50 2.79
CA GLY B 312 -2.51 25.56 1.47
C GLY B 312 -2.83 24.32 0.66
N THR B 313 -2.15 24.13 -0.46
CA THR B 313 -2.46 23.03 -1.36
C THR B 313 -1.22 22.18 -1.56
N VAL B 314 -1.35 20.87 -1.38
CA VAL B 314 -0.28 19.92 -1.60
C VAL B 314 -0.64 19.04 -2.79
N HIS B 315 0.25 18.96 -3.77
CA HIS B 315 0.08 18.15 -4.96
C HIS B 315 1.10 17.03 -4.98
N GLU B 316 0.65 15.84 -5.36
CA GLU B 316 1.52 14.68 -5.48
C GLU B 316 1.53 14.22 -6.94
N TYR B 317 2.72 14.00 -7.48
CA TYR B 317 2.88 13.51 -8.85
C TYR B 317 3.66 12.21 -8.80
N LYS B 318 3.13 11.18 -9.47
CA LYS B 318 3.77 9.88 -9.50
C LYS B 318 3.75 9.31 -10.92
N LEU B 319 4.87 8.74 -11.33
CA LEU B 319 4.96 8.03 -12.59
C LEU B 319 4.27 6.67 -12.44
N LYS B 320 3.27 6.41 -13.27
CA LYS B 320 2.50 5.16 -13.22
C LYS B 320 2.60 4.39 -14.53
N LEU B 321 2.53 3.06 -14.46
CA LEU B 321 2.59 2.23 -15.66
C LEU B 321 1.20 2.10 -16.27
N SER B 322 1.15 2.10 -17.60
CA SER B 322 -0.10 1.97 -18.34
C SER B 322 -0.38 0.54 -18.74
N GLN B 323 0.59 -0.34 -18.64
CA GLN B 323 0.42 -1.73 -18.98
C GLN B 323 1.61 -2.51 -18.45
N ASN B 324 1.46 -3.82 -18.41
CA ASN B 324 2.54 -4.68 -17.95
C ASN B 324 3.71 -4.60 -18.92
N LEU B 325 4.87 -4.15 -18.45
CA LEU B 325 6.06 -4.15 -19.31
C LEU B 325 6.62 -5.57 -19.45
N SER B 326 6.82 -5.99 -20.70
CA SER B 326 7.58 -7.20 -21.00
C SER B 326 8.89 -7.25 -20.25
N VAL B 327 9.21 -8.43 -19.71
CA VAL B 327 10.43 -8.61 -18.94
C VAL B 327 11.66 -8.38 -19.79
N THR B 328 11.51 -8.37 -21.11
CA THR B 328 12.63 -8.12 -22.00
C THR B 328 12.93 -6.64 -22.18
N GLU B 329 12.03 -5.74 -21.77
CA GLU B 329 12.24 -4.31 -21.97
C GLU B 329 13.48 -3.83 -21.21
N GLN B 330 14.19 -2.89 -21.81
CA GLN B 330 15.36 -2.31 -21.14
C GLN B 330 15.69 -1.00 -21.84
N ARG B 331 15.52 0.10 -21.13
CA ARG B 331 15.83 1.41 -21.67
C ARG B 331 15.79 2.43 -20.54
N SER B 332 16.60 3.48 -20.71
CA SER B 332 16.75 4.55 -19.74
C SER B 332 16.43 5.87 -20.44
N PHE B 333 15.51 6.64 -19.85
CA PHE B 333 15.10 7.92 -20.42
C PHE B 333 14.82 8.90 -19.28
N LEU B 334 14.91 10.18 -19.61
CA LEU B 334 14.64 11.28 -18.68
C LEU B 334 13.37 11.99 -19.17
N LEU B 335 12.32 11.92 -18.36
CA LEU B 335 10.98 12.34 -18.77
C LEU B 335 10.56 13.60 -18.04
N GLY B 336 10.40 14.69 -18.78
CA GLY B 336 9.93 15.95 -18.20
C GLY B 336 8.42 16.03 -18.12
N TYR B 337 7.92 16.71 -17.10
CA TYR B 337 6.50 16.94 -16.90
C TYR B 337 6.29 18.35 -16.40
N LEU B 338 5.58 19.17 -17.19
CA LEU B 338 5.38 20.58 -16.90
C LEU B 338 4.07 20.81 -16.17
N VAL B 339 4.15 21.45 -15.00
CA VAL B 339 3.00 21.75 -14.15
C VAL B 339 2.76 23.26 -14.19
N ASN B 340 1.54 23.65 -14.56
CA ASN B 340 1.19 25.05 -14.84
C ASN B 340 0.06 25.50 -13.92
N ASP B 341 0.32 26.55 -13.13
CA ASP B 341 -0.72 27.22 -12.35
C ASP B 341 -1.41 28.22 -13.28
N THR B 342 -2.52 27.76 -13.89
CA THR B 342 -3.10 28.41 -15.07
C THR B 342 -3.75 29.75 -14.76
N THR B 343 -4.10 30.02 -13.50
CA THR B 343 -4.64 31.31 -13.11
C THR B 343 -3.61 32.19 -12.43
N PHE B 344 -2.37 31.75 -12.32
CA PHE B 344 -1.33 32.62 -11.77
C PHE B 344 -0.88 33.61 -12.84
N PRO B 345 -1.05 34.91 -12.62
CA PRO B 345 -0.67 35.88 -13.66
C PRO B 345 0.83 35.87 -13.91
N GLY B 346 1.21 35.77 -15.18
CA GLY B 346 2.60 35.86 -15.55
C GLY B 346 3.19 34.50 -15.87
N PRO B 347 4.42 34.50 -16.38
CA PRO B 347 5.05 33.24 -16.83
C PRO B 347 5.73 32.44 -15.74
N GLU B 348 5.72 32.88 -14.48
CA GLU B 348 6.35 32.16 -13.37
C GLU B 348 5.40 31.19 -12.71
N GLY B 349 4.27 30.89 -13.34
CA GLY B 349 3.32 30.02 -12.70
C GLY B 349 3.51 28.58 -13.06
N THR B 350 4.69 28.19 -13.53
CA THR B 350 4.91 26.80 -13.92
C THR B 350 6.17 26.25 -13.27
N VAL B 351 6.20 24.94 -13.16
CA VAL B 351 7.33 24.19 -12.60
C VAL B 351 7.55 22.98 -13.49
N LEU B 352 8.81 22.71 -13.80
CA LEU B 352 9.16 21.56 -14.63
C LEU B 352 9.59 20.42 -13.71
N LEU B 353 8.92 19.29 -13.82
CA LEU B 353 9.28 18.07 -13.10
C LEU B 353 10.03 17.11 -14.03
N HIS B 354 10.90 16.30 -13.43
CA HIS B 354 11.68 15.31 -14.18
C HIS B 354 11.56 13.92 -13.54
N PHE B 355 11.37 12.90 -14.37
CA PHE B 355 11.44 11.51 -13.94
C PHE B 355 12.60 10.85 -14.66
N ASN B 356 13.56 10.33 -13.87
CA ASN B 356 14.79 9.73 -14.39
C ASN B 356 14.61 8.22 -14.32
N VAL B 357 14.16 7.63 -15.43
CA VAL B 357 13.64 6.27 -15.43
C VAL B 357 14.70 5.31 -15.95
N THR B 358 14.97 4.27 -15.17
CA THR B 358 15.75 3.12 -15.61
C THR B 358 14.83 1.91 -15.62
N VAL B 359 14.57 1.36 -16.81
CA VAL B 359 13.79 0.14 -16.94
C VAL B 359 14.74 -1.01 -17.24
N LEU B 360 14.75 -2.03 -16.34
CA LEU B 360 15.67 -3.17 -16.44
C LEU B 360 14.93 -4.45 -16.80
N PRO B 361 15.53 -5.32 -17.62
CA PRO B 361 14.90 -6.61 -17.88
C PRO B 361 14.96 -7.50 -16.66
N VAL B 362 14.12 -8.51 -16.69
CA VAL B 362 14.02 -9.49 -15.60
C VAL B 362 14.37 -10.85 -16.20
N PRO B 363 15.42 -11.50 -15.72
CA PRO B 363 15.73 -12.85 -16.20
C PRO B 363 14.73 -13.86 -15.64
N ILE B 364 14.48 -14.90 -16.42
CA ILE B 364 13.61 -16.01 -16.06
C ILE B 364 14.51 -17.23 -15.89
N ARG B 365 14.86 -17.58 -14.66
CA ARG B 365 15.84 -18.63 -14.42
C ARG B 365 15.68 -19.15 -13.00
N PHE B 366 16.04 -20.41 -12.76
CA PHE B 366 16.09 -20.91 -11.40
C PHE B 366 17.44 -20.60 -10.81
N SER B 367 17.45 -20.23 -9.52
CA SER B 367 18.72 -20.03 -8.82
C SER B 367 19.10 -21.24 -7.98
N GLN B 368 18.18 -22.17 -7.81
CA GLN B 368 18.40 -23.44 -7.14
C GLN B 368 18.48 -24.52 -8.22
N VAL B 369 19.63 -25.21 -8.30
CA VAL B 369 19.79 -26.20 -9.35
C VAL B 369 19.04 -27.50 -9.06
N THR B 370 18.43 -27.63 -7.88
CA THR B 370 17.72 -28.86 -7.56
C THR B 370 16.80 -28.61 -6.39
N TYR B 371 15.55 -29.02 -6.54
CA TYR B 371 14.64 -29.09 -5.42
C TYR B 371 14.54 -30.54 -4.97
N SER B 372 14.61 -30.74 -3.65
CA SER B 372 14.51 -32.04 -3.02
C SER B 372 13.48 -31.95 -1.90
N PHE B 373 12.38 -32.71 -2.01
CA PHE B 373 11.37 -32.74 -0.96
C PHE B 373 11.24 -34.18 -0.43
N THR B 374 10.95 -34.29 0.87
CA THR B 374 10.76 -35.59 1.53
C THR B 374 9.41 -35.62 2.21
N VAL B 375 8.58 -36.59 1.84
CA VAL B 375 7.17 -36.62 2.24
C VAL B 375 6.84 -38.00 2.80
N SER B 376 5.93 -38.00 3.77
CA SER B 376 5.57 -39.25 4.45
C SER B 376 4.79 -40.16 3.52
N GLN B 377 5.01 -41.47 3.66
CA GLN B 377 4.17 -42.41 2.92
C GLN B 377 2.72 -42.32 3.36
N LYS B 378 2.49 -41.89 4.61
CA LYS B 378 1.17 -41.71 5.16
C LYS B 378 0.61 -40.33 4.87
N ALA B 379 1.30 -39.53 4.06
CA ALA B 379 0.81 -38.20 3.77
C ALA B 379 -0.58 -38.27 3.13
N THR B 380 -1.43 -37.31 3.48
CA THR B 380 -2.81 -37.31 3.01
C THR B 380 -2.94 -36.57 1.68
N THR B 381 -4.00 -36.90 0.96
CA THR B 381 -4.27 -36.29 -0.33
C THR B 381 -4.42 -34.78 -0.22
N TYR B 382 -3.76 -34.07 -1.11
CA TYR B 382 -3.86 -32.61 -1.22
C TYR B 382 -3.01 -31.90 -0.18
N SER B 383 -2.26 -32.64 0.63
CA SER B 383 -1.34 -31.96 1.55
C SER B 383 -0.20 -31.33 0.77
N GLN B 384 0.17 -30.10 1.14
CA GLN B 384 1.26 -29.39 0.48
C GLN B 384 2.58 -30.11 0.70
N ILE B 385 3.32 -30.32 -0.39
CA ILE B 385 4.67 -30.88 -0.33
C ILE B 385 5.74 -29.78 -0.29
N GLY B 386 5.63 -28.79 -1.17
CA GLY B 386 6.55 -27.67 -1.13
C GLY B 386 6.21 -26.71 -2.23
N LYS B 387 7.07 -25.70 -2.39
CA LYS B 387 6.85 -24.69 -3.41
C LYS B 387 8.11 -24.53 -4.24
N VAL B 388 7.91 -24.24 -5.52
CA VAL B 388 9.02 -23.86 -6.38
C VAL B 388 8.80 -22.43 -6.85
N CYS B 389 9.89 -21.81 -7.29
CA CYS B 389 9.90 -20.38 -7.50
C CYS B 389 11.12 -20.00 -8.33
N VAL B 390 10.91 -19.38 -9.51
CA VAL B 390 12.07 -18.87 -10.26
C VAL B 390 12.70 -17.74 -9.45
N GLU B 391 13.93 -17.41 -9.80
CA GLU B 391 14.69 -16.37 -9.08
C GLU B 391 13.90 -15.06 -9.00
N ASN B 392 13.67 -14.61 -7.76
CA ASN B 392 12.98 -13.36 -7.39
C ASN B 392 11.49 -13.38 -7.70
N CYS B 393 10.91 -14.57 -7.89
CA CYS B 393 9.53 -14.64 -8.36
C CYS B 393 8.57 -13.99 -7.38
N GLN B 394 8.91 -13.93 -6.09
CA GLN B 394 8.02 -13.33 -5.11
C GLN B 394 8.04 -11.81 -5.12
N LYS B 395 8.95 -11.18 -5.87
CA LYS B 395 8.82 -9.75 -6.14
C LYS B 395 8.07 -9.46 -7.44
N PHE B 396 7.75 -10.46 -8.24
CA PHE B 396 7.18 -10.20 -9.56
C PHE B 396 5.82 -9.51 -9.44
N LYS B 397 5.61 -8.53 -10.31
CA LYS B 397 4.29 -7.93 -10.52
C LYS B 397 4.09 -7.70 -12.00
N GLY B 398 2.92 -8.07 -12.52
CA GLY B 398 2.68 -7.87 -13.94
C GLY B 398 3.44 -8.83 -14.82
N ILE B 399 3.91 -9.93 -14.25
CA ILE B 399 4.64 -10.96 -14.96
C ILE B 399 3.88 -12.26 -14.75
N ASP B 400 3.51 -12.91 -15.83
CA ASP B 400 2.77 -14.17 -15.75
C ASP B 400 3.76 -15.31 -15.95
N VAL B 401 4.06 -16.04 -14.88
CA VAL B 401 4.89 -17.25 -14.97
C VAL B 401 4.05 -18.44 -14.50
N THR B 402 4.05 -19.51 -15.31
CA THR B 402 3.43 -20.78 -14.96
C THR B 402 4.52 -21.84 -14.73
N TYR B 403 4.18 -22.86 -13.95
CA TYR B 403 5.10 -23.95 -13.67
C TYR B 403 4.48 -25.26 -14.12
N GLN B 404 5.32 -26.22 -14.48
CA GLN B 404 4.82 -27.51 -14.95
C GLN B 404 5.83 -28.57 -14.54
N LEU B 405 5.33 -29.77 -14.23
CA LEU B 405 6.20 -30.91 -13.94
C LEU B 405 6.28 -31.81 -15.16
N GLU B 406 7.49 -32.25 -15.51
CA GLU B 406 7.71 -33.25 -16.54
C GLU B 406 8.53 -34.40 -15.97
N ILE B 407 8.14 -35.62 -16.34
CA ILE B 407 8.90 -36.79 -15.92
C ILE B 407 10.25 -36.79 -16.62
N VAL B 408 11.31 -37.14 -15.88
CA VAL B 408 12.65 -37.15 -16.44
C VAL B 408 12.84 -38.33 -17.38
N ASP B 409 12.70 -39.55 -16.85
CA ASP B 409 12.90 -40.77 -17.63
C ASP B 409 11.73 -40.96 -18.62
N ARG B 410 12.02 -40.77 -19.90
CA ARG B 410 10.98 -40.85 -20.92
C ARG B 410 10.69 -42.29 -21.35
N GLN B 411 11.71 -43.15 -21.41
CA GLN B 411 11.53 -44.55 -21.78
C GLN B 411 11.07 -45.33 -20.54
N ILE B 412 9.81 -45.10 -20.18
CA ILE B 412 9.22 -45.60 -18.95
C ILE B 412 8.02 -46.47 -19.28
N THR B 413 7.92 -47.64 -18.65
CA THR B 413 6.77 -48.50 -18.85
C THR B 413 5.50 -47.82 -18.32
N ALA B 414 4.36 -48.38 -18.70
CA ALA B 414 3.08 -47.84 -18.25
C ALA B 414 2.92 -47.95 -16.75
N GLU B 415 3.35 -49.08 -16.17
CA GLU B 415 3.21 -49.24 -14.73
C GLU B 415 4.03 -48.21 -13.97
N ALA B 416 5.26 -47.95 -14.41
CA ALA B 416 6.09 -46.96 -13.72
C ALA B 416 5.54 -45.56 -13.91
N GLN B 417 4.87 -45.31 -15.04
CA GLN B 417 4.26 -44.01 -15.29
C GLN B 417 3.27 -43.66 -14.17
N SER B 418 2.47 -44.63 -13.70
CA SER B 418 1.48 -44.35 -12.67
C SER B 418 2.10 -43.96 -11.34
N CYS B 419 3.39 -44.13 -11.16
CA CYS B 419 4.02 -43.66 -9.93
C CYS B 419 3.90 -42.15 -9.81
N TYR B 420 3.91 -41.44 -10.94
CA TYR B 420 3.93 -39.97 -10.99
C TYR B 420 2.57 -39.35 -10.76
N TRP B 421 1.53 -40.18 -10.60
CA TRP B 421 0.25 -39.67 -10.11
C TRP B 421 0.32 -39.21 -8.65
N ALA B 422 1.35 -39.62 -7.89
CA ALA B 422 1.36 -39.30 -6.47
C ALA B 422 1.56 -37.81 -6.20
N VAL B 423 2.03 -37.06 -7.19
CA VAL B 423 2.38 -35.65 -7.01
C VAL B 423 1.75 -34.83 -8.12
N SER B 424 1.20 -33.69 -7.75
CA SER B 424 0.63 -32.78 -8.74
C SER B 424 1.12 -31.37 -8.41
N LEU B 425 0.81 -30.44 -9.31
CA LEU B 425 1.28 -29.07 -9.14
C LEU B 425 0.15 -28.08 -9.43
N ALA B 426 0.00 -27.10 -8.53
CA ALA B 426 -0.98 -26.03 -8.67
C ALA B 426 -0.27 -24.69 -8.79
N GLN B 427 -0.82 -23.80 -9.62
CA GLN B 427 -0.28 -22.46 -9.80
C GLN B 427 -0.64 -21.56 -8.64
N ASN B 428 0.33 -20.85 -8.10
CA ASN B 428 -0.03 -19.84 -7.10
C ASN B 428 0.25 -18.47 -7.67
N PRO B 429 -0.65 -17.93 -8.49
CA PRO B 429 -0.44 -16.59 -9.07
C PRO B 429 -0.25 -15.46 -8.04
N ASN B 430 -0.69 -15.61 -6.79
CA ASN B 430 -0.55 -14.53 -5.82
C ASN B 430 0.91 -14.09 -5.67
N ASP B 431 1.81 -15.06 -5.55
CA ASP B 431 3.23 -14.78 -5.39
C ASP B 431 4.07 -15.40 -6.50
N ASN B 432 3.44 -15.85 -7.58
CA ASN B 432 4.15 -16.33 -8.76
C ASN B 432 4.97 -17.60 -8.47
N THR B 433 4.45 -18.46 -7.61
CA THR B 433 5.07 -19.73 -7.28
C THR B 433 4.21 -20.87 -7.85
N GLY B 434 4.79 -22.06 -7.87
CA GLY B 434 4.05 -23.31 -8.05
C GLY B 434 4.01 -24.05 -6.73
N VAL B 435 2.89 -24.74 -6.49
CA VAL B 435 2.65 -25.47 -5.24
C VAL B 435 2.58 -26.96 -5.55
N LEU B 436 3.54 -27.72 -5.05
CA LEU B 436 3.46 -29.16 -5.13
C LEU B 436 2.54 -29.71 -4.04
N TYR B 437 1.70 -30.66 -4.40
CA TYR B 437 0.84 -31.32 -3.43
C TYR B 437 0.75 -32.80 -3.75
N VAL B 438 0.38 -33.58 -2.73
CA VAL B 438 0.11 -35.01 -2.88
C VAL B 438 -1.19 -35.20 -3.64
N ASN B 439 -1.18 -36.08 -4.64
CA ASN B 439 -2.38 -36.39 -5.41
C ASN B 439 -2.82 -37.79 -5.07
N ASP B 440 -2.29 -38.83 -5.74
CA ASP B 440 -2.77 -40.20 -5.57
C ASP B 440 -1.89 -40.92 -4.57
N THR B 441 -2.44 -41.21 -3.39
CA THR B 441 -1.71 -41.95 -2.37
C THR B 441 -1.69 -43.46 -2.64
N LYS B 442 -2.58 -43.97 -3.49
CA LYS B 442 -2.68 -45.42 -3.67
C LYS B 442 -1.41 -45.99 -4.27
N VAL B 443 -0.71 -45.22 -5.10
CA VAL B 443 0.51 -45.72 -5.71
C VAL B 443 1.70 -45.68 -4.78
N LEU B 444 1.59 -45.05 -3.61
CA LEU B 444 2.72 -44.97 -2.69
C LEU B 444 3.02 -46.30 -2.00
N ARG B 445 2.09 -47.26 -2.07
CA ARG B 445 2.36 -48.59 -1.52
C ARG B 445 3.43 -49.34 -2.33
N ARG B 446 3.71 -48.89 -3.55
CA ARG B 446 4.68 -49.56 -4.40
C ARG B 446 6.07 -48.98 -4.14
N PRO B 447 7.04 -49.78 -3.68
CA PRO B 447 8.41 -49.27 -3.52
C PRO B 447 8.96 -48.56 -4.75
N GLU B 448 8.60 -49.00 -5.95
CA GLU B 448 9.13 -48.30 -7.13
C GLU B 448 8.58 -46.90 -7.26
N CYS B 449 7.50 -46.58 -6.55
CA CYS B 449 6.87 -45.27 -6.69
C CYS B 449 7.30 -44.28 -5.62
N GLN B 450 8.36 -44.57 -4.87
CA GLN B 450 8.67 -43.75 -3.70
C GLN B 450 9.85 -42.81 -3.90
N GLU B 451 10.55 -42.90 -5.02
CA GLU B 451 11.56 -41.92 -5.41
C GLU B 451 11.22 -41.46 -6.82
N LEU B 452 10.76 -40.22 -6.94
CA LEU B 452 10.29 -39.64 -8.18
C LEU B 452 11.22 -38.51 -8.62
N GLU B 453 11.37 -38.36 -9.93
CA GLU B 453 12.28 -37.38 -10.49
C GLU B 453 11.56 -36.62 -11.60
N TYR B 454 11.54 -35.31 -11.49
CA TYR B 454 10.86 -34.46 -12.45
C TYR B 454 11.82 -33.39 -12.95
N VAL B 455 11.48 -32.82 -14.10
CA VAL B 455 12.02 -31.54 -14.51
C VAL B 455 10.92 -30.53 -14.23
N VAL B 456 11.29 -29.45 -13.56
CA VAL B 456 10.39 -28.31 -13.34
C VAL B 456 10.68 -27.27 -14.40
N ILE B 457 9.63 -26.89 -15.15
CA ILE B 457 9.70 -25.89 -16.22
C ILE B 457 8.83 -24.69 -15.83
N ALA B 458 9.44 -23.52 -15.78
CA ALA B 458 8.71 -22.27 -15.66
C ALA B 458 8.69 -21.55 -17.00
N GLN B 459 7.55 -20.98 -17.34
CA GLN B 459 7.38 -20.29 -18.62
C GLN B 459 6.71 -18.95 -18.42
N GLU B 460 7.39 -17.88 -18.83
CA GLU B 460 6.83 -16.53 -18.81
C GLU B 460 5.89 -16.37 -20.00
N GLN B 461 4.67 -15.88 -19.74
CA GLN B 461 3.60 -15.86 -20.75
C GLN B 461 3.97 -15.00 -21.96
N GLN B 462 4.42 -13.78 -21.75
CA GLN B 462 4.57 -12.87 -22.88
C GLN B 462 5.58 -13.42 -23.89
N ASN B 463 6.84 -13.58 -23.47
CA ASN B 463 7.94 -13.93 -24.36
C ASN B 463 8.20 -15.44 -24.45
N LYS B 464 7.49 -16.27 -23.69
CA LYS B 464 7.74 -17.71 -23.63
C LYS B 464 9.15 -18.04 -23.15
N LEU B 465 9.78 -17.13 -22.39
CA LEU B 465 11.06 -17.48 -21.78
C LEU B 465 10.87 -18.63 -20.80
N GLN B 466 11.80 -19.56 -20.80
CA GLN B 466 11.71 -20.73 -19.96
C GLN B 466 12.86 -20.78 -18.96
N ALA B 467 12.60 -21.44 -17.83
CA ALA B 467 13.64 -21.86 -16.90
C ALA B 467 13.33 -23.28 -16.48
N LYS B 468 14.37 -24.08 -16.23
CA LYS B 468 14.21 -25.49 -15.96
C LYS B 468 15.14 -25.90 -14.83
N THR B 469 14.67 -26.76 -13.95
CA THR B 469 15.57 -27.30 -12.96
C THR B 469 15.08 -28.69 -12.55
N GLN B 470 15.93 -29.40 -11.84
CA GLN B 470 15.60 -30.73 -11.37
C GLN B 470 14.73 -30.64 -10.11
N LEU B 471 13.81 -31.58 -9.96
CA LEU B 471 13.04 -31.73 -8.75
C LEU B 471 12.88 -33.21 -8.40
N THR B 472 13.25 -33.58 -7.18
CA THR B 472 13.03 -34.94 -6.70
C THR B 472 12.06 -34.91 -5.52
N VAL B 473 11.22 -35.94 -5.44
CA VAL B 473 10.33 -36.16 -4.31
C VAL B 473 10.59 -37.55 -3.75
N SER B 474 10.82 -37.63 -2.46
CA SER B 474 11.14 -38.86 -1.78
C SER B 474 10.05 -39.14 -0.75
N PHE B 475 9.46 -40.33 -0.81
CA PHE B 475 8.42 -40.77 0.10
C PHE B 475 9.04 -41.74 1.09
N GLN B 476 9.22 -41.30 2.33
CA GLN B 476 9.93 -42.11 3.32
C GLN B 476 8.98 -42.64 4.38
#